data_3MO4
#
_entry.id   3MO4
#
_cell.length_a   82.610
_cell.length_b   106.094
_cell.length_c   122.383
_cell.angle_alpha   90.00
_cell.angle_beta   90.00
_cell.angle_gamma   90.00
#
_symmetry.space_group_name_H-M   'P 21 21 21'
#
loop_
_entity.id
_entity.type
_entity.pdbx_description
1 polymer Alpha-1,3/4-fucosidase
2 non-polymer TYROSINE
3 non-polymer 'FORMIC ACID'
4 water water
#
_entity_poly.entity_id   1
_entity_poly.type   'polypeptide(L)'
_entity_poly.pdbx_seq_one_letter_code
;QG(MSE)NNPADAGINLNYLANVRPSSRQLAWQR(MSE)E(MSE)YAFLHFG(MSE)NT(MSE)TDREWGLGHEDPALFN
PRNVDVDQW(MSE)DALVAGG(MSE)AGVILTCKHHDGFCLWPSRLTRHTVASSPWREGKGDLVREVSESARRHGLKFGV
YLSPWDRTEESYGKGKAYDDFYVGQLTELLTQYGPIFSVWLDGANGEGKNGKTQYYDWDRYYNVIRSLQPDAVISVCGPD
VRWAGNEAGHVRDNEWSVVPRRLRSAELT(MSE)EKSQQEDDASFATTVSSQDDDLGSREAVAGYGDNVCWYPAEVDTSI
RPGWFYHQSEDDKV(MSE)SADQLFDLWLSAVGGNSSLLLNIPPSPEGLLAEPDVQSLKGLGRRVSEFREALASVRCEAR
TSSASAAAAHLVDGNRDTFWRPDADDAAPAITLTLPQPTTINAIVIEEAIEHGQRIEHLRVTGALPDGTERVLGQAGTVG
YRRILRFDDVEVSSVTLHVDGSRLAP(MSE)ISRAAAVRI
;
_entity_poly.pdbx_strand_id   A,B
#
# COMPACT_ATOMS: atom_id res chain seq x y z
N ALA A 9 -12.47 23.13 -14.78
CA ALA A 9 -13.02 22.16 -13.83
C ALA A 9 -12.90 22.66 -12.40
N GLY A 10 -13.91 22.35 -11.58
CA GLY A 10 -13.92 22.78 -10.20
C GLY A 10 -13.10 21.87 -9.30
N ILE A 11 -12.85 22.31 -8.08
CA ILE A 11 -12.13 21.51 -7.09
C ILE A 11 -12.76 20.12 -6.93
N ASN A 12 -14.08 20.08 -6.82
CA ASN A 12 -14.76 18.81 -6.59
C ASN A 12 -14.49 17.79 -7.69
N LEU A 13 -14.63 18.20 -8.94
CA LEU A 13 -14.41 17.27 -10.05
C LEU A 13 -12.95 16.82 -10.12
N ASN A 14 -12.01 17.74 -9.91
CA ASN A 14 -10.59 17.41 -9.87
C ASN A 14 -10.31 16.39 -8.76
N TYR A 15 -11.05 16.49 -7.66
CA TYR A 15 -10.96 15.48 -6.60
C TYR A 15 -11.51 14.11 -7.06
N LEU A 16 -12.75 14.07 -7.50
CA LEU A 16 -13.36 12.79 -7.87
C LEU A 16 -12.57 12.07 -8.95
N ALA A 17 -12.10 12.81 -9.94
CA ALA A 17 -11.45 12.19 -11.10
C ALA A 17 -10.07 11.68 -10.75
N ASN A 18 -9.62 11.96 -9.55
CA ASN A 18 -8.28 11.52 -9.13
C ASN A 18 -8.23 10.61 -7.90
N VAL A 19 -9.39 10.18 -7.42
CA VAL A 19 -9.42 9.20 -6.36
C VAL A 19 -8.95 7.86 -6.94
N ARG A 20 -8.01 7.19 -6.25
CA ARG A 20 -7.28 6.07 -6.87
C ARG A 20 -7.08 4.88 -5.92
N PRO A 21 -6.86 3.67 -6.49
CA PRO A 21 -6.62 2.51 -5.63
C PRO A 21 -5.23 2.48 -5.00
N SER A 22 -5.14 1.92 -3.79
CA SER A 22 -3.86 1.61 -3.17
C SER A 22 -3.23 0.43 -3.91
N SER A 23 -1.98 0.14 -3.57
CA SER A 23 -1.28 -0.99 -4.17
C SER A 23 -2.05 -2.30 -3.94
N ARG A 24 -2.48 -2.56 -2.71
CA ARG A 24 -3.20 -3.81 -2.41
C ARG A 24 -4.54 -3.91 -3.17
N GLN A 25 -5.24 -2.78 -3.31
CA GLN A 25 -6.48 -2.73 -4.06
C GLN A 25 -6.31 -2.97 -5.55
N LEU A 26 -5.21 -2.48 -6.10
CA LEU A 26 -4.92 -2.69 -7.51
C LEU A 26 -4.57 -4.15 -7.78
N ALA A 27 -3.72 -4.73 -6.93
CA ALA A 27 -3.35 -6.13 -7.10
C ALA A 27 -4.59 -7.03 -6.97
N TRP A 28 -5.42 -6.74 -5.98
CA TRP A 28 -6.68 -7.47 -5.80
C TRP A 28 -7.58 -7.37 -7.03
N GLN A 29 -7.70 -6.18 -7.58
CA GLN A 29 -8.60 -5.98 -8.73
C GLN A 29 -8.17 -6.87 -9.88
N ARG A 30 -6.85 -6.99 -10.05
CA ARG A 30 -6.31 -7.72 -11.19
C ARG A 30 -6.53 -9.23 -11.06
N GLU A 32 -9.63 -10.49 -10.49
CA GLU A 32 -10.88 -10.65 -11.24
C GLU A 32 -11.89 -11.65 -10.63
N TYR A 34 -12.19 -15.22 -7.94
CA TYR A 34 -11.59 -16.20 -7.04
C TYR A 34 -12.73 -16.95 -6.36
N ALA A 35 -12.38 -18.06 -5.71
CA ALA A 35 -13.38 -18.96 -5.13
C ALA A 35 -13.54 -18.77 -3.64
N PHE A 36 -14.68 -19.20 -3.13
CA PHE A 36 -14.93 -19.32 -1.69
C PHE A 36 -15.11 -20.83 -1.48
N LEU A 37 -14.61 -21.34 -0.37
CA LEU A 37 -14.71 -22.76 -0.06
C LEU A 37 -15.39 -22.83 1.29
N HIS A 38 -16.68 -23.16 1.30
CA HIS A 38 -17.38 -23.41 2.55
C HIS A 38 -17.32 -24.90 2.87
N PHE A 39 -16.62 -25.21 3.94
CA PHE A 39 -16.46 -26.59 4.37
C PHE A 39 -16.18 -26.60 5.86
N GLY A 40 -16.81 -27.53 6.57
CA GLY A 40 -16.63 -27.63 8.00
C GLY A 40 -17.73 -28.43 8.68
N ASN A 42 -20.81 -27.60 9.46
CA ASN A 42 -22.11 -27.48 8.81
C ASN A 42 -22.28 -28.45 7.64
N THR A 43 -21.18 -28.84 7.03
CA THR A 43 -21.20 -29.81 5.95
C THR A 43 -21.61 -31.16 6.51
N THR A 45 -23.28 -31.74 9.34
CA THR A 45 -24.62 -31.76 9.94
C THR A 45 -25.71 -31.36 8.95
N ASP A 46 -25.32 -31.08 7.71
CA ASP A 46 -26.26 -30.71 6.65
C ASP A 46 -27.05 -29.44 6.99
N ARG A 47 -26.34 -28.41 7.46
CA ARG A 47 -26.97 -27.16 7.86
C ARG A 47 -26.37 -25.94 7.18
N GLU A 48 -27.13 -24.86 7.13
CA GLU A 48 -26.60 -23.58 6.70
C GLU A 48 -26.18 -22.83 7.95
N TRP A 49 -26.93 -23.03 9.02
CA TRP A 49 -26.66 -22.41 10.31
C TRP A 49 -26.41 -23.47 11.38
N GLY A 50 -25.18 -23.50 11.92
CA GLY A 50 -24.84 -24.43 12.98
C GLY A 50 -25.24 -23.88 14.34
N LEU A 51 -25.41 -24.76 15.31
CA LEU A 51 -25.91 -24.37 16.63
C LEU A 51 -24.81 -24.03 17.61
N GLY A 52 -23.60 -24.47 17.29
CA GLY A 52 -22.49 -24.38 18.23
C GLY A 52 -22.44 -25.64 19.09
N HIS A 53 -21.28 -25.91 19.67
CA HIS A 53 -21.06 -27.05 20.56
C HIS A 53 -21.25 -28.40 19.89
N GLU A 54 -21.28 -28.43 18.57
CA GLU A 54 -21.36 -29.70 17.87
C GLU A 54 -20.20 -30.60 18.23
N ASP A 55 -20.47 -31.88 18.35
CA ASP A 55 -19.45 -32.87 18.70
C ASP A 55 -18.39 -32.96 17.61
N PRO A 56 -17.11 -32.76 17.96
CA PRO A 56 -16.05 -32.88 16.96
C PRO A 56 -15.99 -34.28 16.35
N ALA A 57 -16.60 -35.26 17.01
CA ALA A 57 -16.63 -36.61 16.47
C ALA A 57 -17.37 -36.66 15.14
N LEU A 58 -18.26 -35.70 14.93
CA LEU A 58 -19.03 -35.62 13.69
C LEU A 58 -18.17 -35.18 12.49
N PHE A 59 -17.00 -34.63 12.77
CA PHE A 59 -16.11 -34.26 11.67
C PHE A 59 -15.16 -35.40 11.35
N ASN A 60 -15.57 -36.26 10.42
CA ASN A 60 -14.77 -37.41 10.04
C ASN A 60 -14.89 -37.74 8.56
N PRO A 61 -14.66 -36.75 7.69
CA PRO A 61 -14.81 -37.03 6.26
C PRO A 61 -13.75 -38.03 5.82
N ARG A 62 -14.17 -39.04 5.06
CA ARG A 62 -13.31 -40.16 4.73
C ARG A 62 -12.35 -39.89 3.59
N ASN A 63 -12.69 -38.97 2.71
CA ASN A 63 -11.90 -38.77 1.48
C ASN A 63 -11.60 -37.33 1.13
N VAL A 64 -11.09 -36.56 2.09
CA VAL A 64 -10.69 -35.20 1.79
C VAL A 64 -9.57 -35.25 0.77
N ASP A 65 -9.77 -34.58 -0.35
CA ASP A 65 -8.72 -34.47 -1.36
C ASP A 65 -8.64 -33.03 -1.86
N VAL A 66 -7.89 -32.20 -1.15
CA VAL A 66 -7.82 -30.79 -1.49
C VAL A 66 -7.24 -30.56 -2.89
N ASP A 67 -6.39 -31.47 -3.37
CA ASP A 67 -5.88 -31.32 -4.74
C ASP A 67 -7.01 -31.49 -5.76
N GLN A 68 -7.98 -32.34 -5.45
CA GLN A 68 -9.13 -32.47 -6.33
C GLN A 68 -9.90 -31.16 -6.37
N TRP A 69 -10.03 -30.50 -5.22
CA TRP A 69 -10.67 -29.18 -5.19
C TRP A 69 -9.87 -28.19 -6.02
N ASP A 71 -7.60 -28.65 -8.34
CA ASP A 71 -7.62 -28.97 -9.77
C ASP A 71 -8.85 -28.34 -10.42
N ALA A 72 -10.00 -28.48 -9.78
CA ALA A 72 -11.25 -28.01 -10.38
C ALA A 72 -11.32 -26.48 -10.42
N LEU A 73 -10.75 -25.84 -9.38
CA LEU A 73 -10.72 -24.39 -9.31
C LEU A 73 -9.81 -23.79 -10.37
N VAL A 74 -8.69 -24.45 -10.66
CA VAL A 74 -7.81 -23.98 -11.73
C VAL A 74 -8.50 -24.11 -13.08
N ALA A 75 -9.18 -25.24 -13.29
CA ALA A 75 -9.90 -25.49 -14.53
C ALA A 75 -11.01 -24.46 -14.68
N GLY A 76 -11.52 -23.99 -13.55
CA GLY A 76 -12.56 -22.96 -13.54
C GLY A 76 -12.00 -21.55 -13.78
N GLY A 77 -10.68 -21.43 -13.77
CA GLY A 77 -10.05 -20.14 -14.02
C GLY A 77 -9.98 -19.19 -12.83
N ALA A 79 -8.45 -17.30 -9.53
CA ALA A 79 -7.15 -16.69 -9.24
C ALA A 79 -6.69 -17.01 -7.83
N GLY A 80 -7.65 -17.30 -6.97
CA GLY A 80 -7.35 -17.64 -5.59
C GLY A 80 -8.51 -18.36 -4.95
N VAL A 81 -8.36 -18.69 -3.67
CA VAL A 81 -9.41 -19.35 -2.92
C VAL A 81 -9.42 -18.83 -1.48
N ILE A 82 -10.61 -18.52 -0.98
CA ILE A 82 -10.79 -18.11 0.40
C ILE A 82 -11.43 -19.27 1.14
N LEU A 83 -10.80 -19.74 2.20
CA LEU A 83 -11.29 -20.88 2.93
C LEU A 83 -12.04 -20.41 4.18
N THR A 84 -13.15 -21.05 4.50
CA THR A 84 -13.81 -20.82 5.78
C THR A 84 -13.06 -21.59 6.87
N CYS A 85 -12.15 -20.90 7.54
CA CYS A 85 -11.30 -21.50 8.57
C CYS A 85 -12.09 -21.76 9.85
N LYS A 86 -13.04 -20.87 10.12
CA LYS A 86 -13.98 -21.08 11.21
C LYS A 86 -15.25 -20.36 10.82
N HIS A 87 -16.38 -21.07 10.82
CA HIS A 87 -17.64 -20.43 10.51
C HIS A 87 -18.40 -20.07 11.81
N HIS A 88 -19.66 -19.65 11.69
CA HIS A 88 -20.38 -19.10 12.84
C HIS A 88 -20.48 -20.10 13.98
N ASP A 89 -20.48 -21.39 13.62
CA ASP A 89 -20.67 -22.44 14.60
C ASP A 89 -19.42 -22.57 15.49
N GLY A 90 -18.28 -22.09 15.01
CA GLY A 90 -17.09 -22.02 15.84
C GLY A 90 -16.08 -23.15 15.71
N PHE A 91 -16.38 -24.15 14.90
CA PHE A 91 -15.46 -25.27 14.71
C PHE A 91 -14.30 -24.84 13.81
N CYS A 92 -13.07 -24.93 14.33
CA CYS A 92 -11.88 -24.50 13.61
C CYS A 92 -11.23 -25.58 12.76
N LEU A 93 -10.89 -25.25 11.51
CA LEU A 93 -10.32 -26.24 10.58
C LEU A 93 -8.79 -26.38 10.71
N TRP A 94 -8.22 -25.73 11.70
CA TRP A 94 -6.79 -25.82 12.00
C TRP A 94 -6.65 -26.05 13.51
N PRO A 95 -5.54 -26.66 13.94
CA PRO A 95 -5.45 -26.99 15.37
C PRO A 95 -5.09 -25.76 16.24
N SER A 96 -6.03 -24.84 16.38
CA SER A 96 -5.81 -23.63 17.17
C SER A 96 -5.34 -23.90 18.59
N ARG A 97 -4.43 -23.07 19.09
CA ARG A 97 -3.94 -23.22 20.44
C ARG A 97 -4.87 -22.54 21.43
N LEU A 98 -5.93 -21.91 20.94
CA LEU A 98 -6.79 -21.12 21.82
C LEU A 98 -8.14 -21.77 22.13
N THR A 99 -8.40 -22.93 21.54
CA THR A 99 -9.65 -23.64 21.77
C THR A 99 -9.50 -25.12 21.46
N ARG A 100 -10.27 -25.98 22.13
CA ARG A 100 -10.25 -27.40 21.82
C ARG A 100 -11.27 -27.73 20.73
N HIS A 101 -12.08 -26.75 20.34
CA HIS A 101 -13.13 -26.99 19.34
C HIS A 101 -12.56 -26.92 17.94
N THR A 102 -11.68 -27.87 17.62
CA THR A 102 -10.97 -27.83 16.36
C THR A 102 -10.79 -29.23 15.81
N VAL A 103 -10.22 -29.33 14.62
CA VAL A 103 -9.92 -30.61 14.01
C VAL A 103 -8.98 -31.45 14.88
N ALA A 104 -8.28 -30.80 15.81
CA ALA A 104 -7.39 -31.55 16.69
C ALA A 104 -8.17 -32.48 17.62
N SER A 105 -9.44 -32.18 17.86
CA SER A 105 -10.27 -33.04 18.72
C SER A 105 -11.16 -33.99 17.92
N SER A 106 -11.03 -33.97 16.59
CA SER A 106 -11.85 -34.82 15.75
C SER A 106 -11.08 -36.10 15.39
N PRO A 107 -11.80 -37.12 14.89
CA PRO A 107 -11.15 -38.36 14.48
C PRO A 107 -10.48 -38.22 13.11
N TRP A 108 -10.75 -37.11 12.42
CA TRP A 108 -10.15 -36.88 11.10
C TRP A 108 -8.63 -36.83 11.20
N ARG A 109 -7.97 -37.62 10.35
CA ARG A 109 -6.52 -37.70 10.36
C ARG A 109 -5.98 -38.03 11.76
N GLU A 110 -6.75 -38.80 12.52
CA GLU A 110 -6.37 -39.16 13.89
C GLU A 110 -6.11 -37.95 14.79
N GLY A 111 -6.76 -36.83 14.50
CA GLY A 111 -6.62 -35.63 15.29
C GLY A 111 -5.35 -34.85 14.97
N LYS A 112 -4.61 -35.32 13.97
CA LYS A 112 -3.33 -34.72 13.62
C LYS A 112 -3.36 -33.86 12.37
N GLY A 113 -4.57 -33.60 11.87
CA GLY A 113 -4.71 -32.86 10.62
C GLY A 113 -4.76 -31.35 10.80
N ASP A 114 -4.57 -30.65 9.69
CA ASP A 114 -4.68 -29.19 9.64
C ASP A 114 -5.15 -28.86 8.23
N LEU A 115 -6.44 -28.63 8.07
CA LEU A 115 -6.99 -28.39 6.74
C LEU A 115 -6.60 -27.02 6.19
N VAL A 116 -6.39 -26.04 7.07
CA VAL A 116 -5.92 -24.74 6.62
C VAL A 116 -4.55 -24.92 5.96
N ARG A 117 -3.66 -25.65 6.61
CA ARG A 117 -2.38 -26.01 6.02
C ARG A 117 -2.54 -26.74 4.70
N GLU A 118 -3.35 -27.79 4.69
CA GLU A 118 -3.53 -28.61 3.50
C GLU A 118 -4.03 -27.78 2.32
N VAL A 119 -5.03 -26.93 2.56
CA VAL A 119 -5.55 -26.08 1.50
C VAL A 119 -4.54 -25.02 1.04
N SER A 120 -3.93 -24.30 1.97
CA SER A 120 -3.00 -23.24 1.57
C SER A 120 -1.83 -23.82 0.78
N GLU A 121 -1.32 -24.96 1.22
CA GLU A 121 -0.21 -25.59 0.50
C GLU A 121 -0.62 -25.99 -0.92
N SER A 122 -1.78 -26.61 -1.04
CA SER A 122 -2.25 -27.04 -2.35
C SER A 122 -2.53 -25.83 -3.25
N ALA A 123 -3.13 -24.78 -2.68
CA ALA A 123 -3.39 -23.58 -3.45
C ALA A 123 -2.09 -23.12 -4.08
N ARG A 124 -1.05 -22.97 -3.26
CA ARG A 124 0.21 -22.47 -3.79
C ARG A 124 0.84 -23.38 -4.85
N ARG A 125 0.73 -24.69 -4.67
CA ARG A 125 1.25 -25.62 -5.68
C ARG A 125 0.48 -25.46 -6.98
N HIS A 126 -0.77 -25.02 -6.88
CA HIS A 126 -1.62 -24.89 -8.05
C HIS A 126 -1.62 -23.47 -8.61
N GLY A 127 -0.75 -22.60 -8.10
CA GLY A 127 -0.64 -21.23 -8.58
C GLY A 127 -1.81 -20.34 -8.18
N LEU A 128 -2.52 -20.72 -7.12
CA LEU A 128 -3.67 -19.94 -6.65
C LEU A 128 -3.29 -19.19 -5.39
N LYS A 129 -3.80 -17.97 -5.22
CA LYS A 129 -3.55 -17.24 -3.98
C LYS A 129 -4.52 -17.77 -2.92
N PHE A 130 -4.21 -17.52 -1.65
CA PHE A 130 -4.97 -18.10 -0.55
C PHE A 130 -5.49 -16.98 0.36
N GLY A 131 -6.77 -17.05 0.72
CA GLY A 131 -7.36 -16.09 1.63
C GLY A 131 -8.13 -16.76 2.75
N VAL A 132 -8.53 -15.99 3.75
CA VAL A 132 -9.21 -16.59 4.88
C VAL A 132 -10.50 -15.89 5.28
N TYR A 133 -11.43 -16.69 5.79
CA TYR A 133 -12.60 -16.19 6.49
C TYR A 133 -12.57 -16.79 7.89
N LEU A 134 -12.55 -15.92 8.90
CA LEU A 134 -12.61 -16.34 10.28
C LEU A 134 -13.83 -15.63 10.89
N SER A 135 -14.88 -16.40 11.19
CA SER A 135 -16.15 -15.80 11.58
C SER A 135 -16.12 -15.02 12.89
N PRO A 136 -16.45 -13.73 12.85
CA PRO A 136 -16.58 -12.94 14.08
C PRO A 136 -17.59 -13.59 15.03
N TRP A 137 -18.75 -13.97 14.49
CA TRP A 137 -19.76 -14.63 15.31
C TRP A 137 -19.25 -16.02 15.70
N ASP A 138 -19.37 -16.37 16.98
CA ASP A 138 -18.90 -17.68 17.42
C ASP A 138 -19.89 -18.28 18.42
N ARG A 139 -20.55 -19.34 18.00
CA ARG A 139 -21.63 -19.95 18.79
C ARG A 139 -21.12 -20.99 19.78
N THR A 140 -19.83 -21.28 19.74
CA THR A 140 -19.27 -22.22 20.70
C THR A 140 -18.40 -21.52 21.77
N GLU A 141 -17.57 -20.58 21.34
CA GLU A 141 -16.51 -20.06 22.20
C GLU A 141 -17.07 -19.41 23.47
N GLU A 142 -16.50 -19.80 24.61
CA GLU A 142 -17.02 -19.35 25.91
C GLU A 142 -16.96 -17.84 26.11
N SER A 143 -15.94 -17.19 25.55
CA SER A 143 -15.77 -15.76 25.79
C SER A 143 -16.77 -14.94 25.00
N TYR A 144 -17.43 -15.56 24.03
CA TYR A 144 -18.35 -14.83 23.17
C TYR A 144 -19.45 -14.15 23.98
N GLY A 145 -19.55 -12.83 23.83
CA GLY A 145 -20.56 -12.05 24.54
C GLY A 145 -19.97 -11.29 25.71
N LYS A 146 -18.75 -11.64 26.09
CA LYS A 146 -18.11 -10.99 27.23
C LYS A 146 -17.44 -9.68 26.85
N GLY A 147 -17.30 -9.44 25.55
CA GLY A 147 -16.71 -8.19 25.09
C GLY A 147 -15.24 -8.31 24.77
N LYS A 148 -14.40 -7.61 25.53
CA LYS A 148 -12.96 -7.57 25.21
C LYS A 148 -12.33 -8.96 25.20
N ALA A 149 -12.78 -9.83 26.09
CA ALA A 149 -12.24 -11.19 26.15
C ALA A 149 -12.46 -11.94 24.85
N TYR A 150 -13.61 -11.74 24.21
CA TYR A 150 -13.79 -12.38 22.91
C TYR A 150 -12.92 -11.72 21.84
N ASP A 151 -12.77 -10.38 21.90
CA ASP A 151 -11.86 -9.70 20.98
C ASP A 151 -10.46 -10.29 21.09
N ASP A 152 -10.02 -10.51 22.34
CA ASP A 152 -8.71 -11.12 22.57
C ASP A 152 -8.60 -12.47 21.89
N PHE A 153 -9.67 -13.27 21.99
CA PHE A 153 -9.69 -14.59 21.40
C PHE A 153 -9.66 -14.49 19.87
N TYR A 154 -10.46 -13.58 19.32
CA TYR A 154 -10.53 -13.41 17.88
C TYR A 154 -9.17 -12.98 17.34
N VAL A 155 -8.57 -12.00 17.99
CA VAL A 155 -7.27 -11.49 17.56
C VAL A 155 -6.23 -12.57 17.68
N GLY A 156 -6.34 -13.38 18.73
CA GLY A 156 -5.46 -14.52 18.90
C GLY A 156 -5.50 -15.46 17.71
N GLN A 157 -6.72 -15.75 17.25
CA GLN A 157 -6.88 -16.66 16.12
C GLN A 157 -6.48 -16.03 14.78
N LEU A 158 -6.80 -14.75 14.62
CA LEU A 158 -6.33 -14.00 13.45
C LEU A 158 -4.82 -14.13 13.37
N THR A 159 -4.15 -13.96 14.49
CA THR A 159 -2.68 -14.01 14.51
C THR A 159 -2.14 -15.36 14.05
N GLU A 160 -2.77 -16.45 14.50
CA GLU A 160 -2.37 -17.78 14.03
C GLU A 160 -2.53 -17.88 12.52
N LEU A 161 -3.68 -17.46 12.01
CA LEU A 161 -3.98 -17.65 10.60
C LEU A 161 -3.09 -16.79 9.71
N LEU A 162 -2.76 -15.61 10.21
CA LEU A 162 -2.02 -14.62 9.41
C LEU A 162 -0.51 -14.76 9.56
N THR A 163 -0.04 -15.67 10.41
CA THR A 163 1.40 -15.88 10.58
C THR A 163 1.92 -17.29 10.25
N GLN A 164 1.03 -18.27 10.15
CA GLN A 164 1.48 -19.65 10.05
C GLN A 164 1.32 -20.28 8.66
N TYR A 165 0.61 -19.59 7.77
CA TYR A 165 0.19 -20.20 6.52
C TYR A 165 0.65 -19.46 5.25
N GLY A 166 1.59 -18.55 5.39
CA GLY A 166 2.12 -17.83 4.24
C GLY A 166 1.23 -16.67 3.84
N PRO A 167 1.48 -16.10 2.65
CA PRO A 167 0.79 -14.87 2.20
C PRO A 167 -0.72 -15.06 2.12
N ILE A 168 -1.46 -14.09 2.62
CA ILE A 168 -2.92 -14.10 2.61
C ILE A 168 -3.40 -12.96 1.68
N PHE A 169 -4.19 -13.24 0.65
CA PHE A 169 -4.54 -12.16 -0.29
C PHE A 169 -5.73 -11.36 0.19
N SER A 170 -6.59 -11.99 1.00
CA SER A 170 -7.81 -11.37 1.47
C SER A 170 -8.21 -11.92 2.85
N VAL A 171 -8.68 -11.04 3.73
CA VAL A 171 -9.32 -11.46 4.97
C VAL A 171 -10.76 -10.98 4.84
N TRP A 172 -11.66 -11.94 4.70
CA TRP A 172 -13.06 -11.68 4.40
C TRP A 172 -13.82 -11.64 5.71
N LEU A 173 -14.66 -10.62 5.91
CA LEU A 173 -15.32 -10.43 7.19
C LEU A 173 -16.79 -10.09 6.98
N ASP A 174 -17.68 -10.85 7.62
CA ASP A 174 -19.05 -10.39 7.76
C ASP A 174 -19.28 -9.92 9.18
N GLY A 175 -20.47 -9.42 9.47
CA GLY A 175 -20.69 -8.74 10.73
C GLY A 175 -21.78 -9.35 11.58
N ALA A 176 -22.24 -10.54 11.21
CA ALA A 176 -23.27 -11.20 11.99
C ALA A 176 -22.80 -11.28 13.44
N ASN A 177 -23.73 -11.10 14.36
CA ASN A 177 -23.44 -11.30 15.77
C ASN A 177 -24.66 -11.83 16.53
N GLY A 178 -24.49 -12.04 17.83
CA GLY A 178 -25.55 -12.55 18.67
C GLY A 178 -25.19 -12.35 20.13
N GLU A 179 -25.96 -12.98 21.03
CA GLU A 179 -25.66 -12.88 22.45
C GLU A 179 -24.83 -14.07 22.89
N GLY A 180 -24.02 -13.86 23.93
CA GLY A 180 -23.31 -14.97 24.53
C GLY A 180 -24.22 -15.70 25.51
N LYS A 181 -23.70 -16.73 26.16
CA LYS A 181 -24.48 -17.46 27.15
C LYS A 181 -24.95 -16.52 28.26
N ASN A 182 -24.15 -15.50 28.53
CA ASN A 182 -24.47 -14.51 29.56
C ASN A 182 -25.64 -13.62 29.18
N GLY A 183 -26.12 -13.75 27.96
CA GLY A 183 -27.25 -12.96 27.48
C GLY A 183 -26.84 -11.61 26.89
N LYS A 184 -25.55 -11.34 26.89
CA LYS A 184 -25.05 -10.06 26.37
C LYS A 184 -24.69 -10.12 24.89
N THR A 185 -24.97 -9.04 24.17
CA THR A 185 -24.62 -8.97 22.75
C THR A 185 -23.12 -8.71 22.62
N GLN A 186 -22.46 -9.50 21.78
CA GLN A 186 -21.04 -9.27 21.48
C GLN A 186 -20.92 -8.23 20.37
N TYR A 187 -20.14 -7.20 20.64
CA TYR A 187 -19.76 -6.24 19.61
C TYR A 187 -18.27 -6.39 19.32
N TYR A 188 -17.88 -6.13 18.07
CA TYR A 188 -16.50 -6.35 17.64
C TYR A 188 -15.67 -5.07 17.56
N ASP A 189 -14.44 -5.14 18.07
CA ASP A 189 -13.48 -4.04 17.99
C ASP A 189 -12.85 -4.05 16.60
N TRP A 190 -13.61 -3.61 15.61
CA TRP A 190 -13.16 -3.66 14.22
C TRP A 190 -11.82 -2.97 14.06
N ASP A 191 -11.67 -1.80 14.68
CA ASP A 191 -10.45 -1.01 14.49
C ASP A 191 -9.23 -1.81 14.94
N ARG A 192 -9.38 -2.55 16.03
CA ARG A 192 -8.32 -3.40 16.56
C ARG A 192 -8.01 -4.55 15.61
N TYR A 193 -9.06 -5.18 15.08
CA TYR A 193 -8.89 -6.27 14.11
C TYR A 193 -8.14 -5.77 12.88
N TYR A 194 -8.47 -4.57 12.42
CA TYR A 194 -7.86 -4.05 11.20
C TYR A 194 -6.37 -3.80 11.40
N ASN A 195 -6.00 -3.31 12.57
CA ASN A 195 -4.58 -3.11 12.87
C ASN A 195 -3.80 -4.42 12.78
N VAL A 196 -4.39 -5.49 13.28
CA VAL A 196 -3.73 -6.80 13.28
C VAL A 196 -3.50 -7.25 11.84
N ILE A 197 -4.54 -7.14 11.02
CA ILE A 197 -4.44 -7.57 9.62
C ILE A 197 -3.42 -6.71 8.87
N ARG A 198 -3.55 -5.39 9.01
CA ARG A 198 -2.59 -4.49 8.39
C ARG A 198 -1.16 -4.81 8.81
N SER A 199 -0.99 -5.18 10.09
CA SER A 199 0.36 -5.40 10.61
C SER A 199 0.98 -6.72 10.11
N LEU A 200 0.20 -7.77 10.10
CA LEU A 200 0.72 -9.12 9.84
C LEU A 200 0.70 -9.45 8.36
N GLN A 201 -0.27 -8.88 7.65
CA GLN A 201 -0.40 -9.13 6.21
C GLN A 201 -0.77 -7.82 5.51
N PRO A 202 0.19 -6.90 5.44
CA PRO A 202 0.04 -5.57 4.83
C PRO A 202 -0.58 -5.61 3.43
N ASP A 203 -0.27 -6.63 2.65
CA ASP A 203 -0.82 -6.72 1.29
C ASP A 203 -2.26 -7.28 1.20
N ALA A 204 -2.81 -7.77 2.31
CA ALA A 204 -4.15 -8.36 2.25
C ALA A 204 -5.24 -7.30 2.12
N VAL A 205 -6.28 -7.58 1.34
CA VAL A 205 -7.44 -6.70 1.34
C VAL A 205 -8.43 -7.16 2.41
N ILE A 206 -8.85 -6.22 3.25
CA ILE A 206 -9.85 -6.51 4.28
C ILE A 206 -11.22 -6.25 3.64
N SER A 207 -12.03 -7.30 3.52
CA SER A 207 -13.17 -7.28 2.61
C SER A 207 -14.54 -7.36 3.30
N VAL A 208 -15.47 -6.61 2.72
CA VAL A 208 -16.87 -6.55 3.14
C VAL A 208 -17.01 -5.72 4.42
N CYS A 209 -16.85 -6.35 5.58
CA CYS A 209 -16.81 -5.55 6.82
C CYS A 209 -15.40 -5.03 7.05
N GLY A 210 -14.85 -4.38 6.03
CA GLY A 210 -13.51 -3.82 6.11
C GLY A 210 -13.39 -2.75 5.05
N PRO A 211 -12.29 -1.98 5.09
CA PRO A 211 -12.14 -0.78 4.25
C PRO A 211 -11.69 -0.99 2.81
N ASP A 212 -11.20 -2.16 2.44
CA ASP A 212 -10.56 -2.31 1.12
C ASP A 212 -11.47 -2.73 -0.03
N VAL A 213 -12.43 -3.62 0.28
CA VAL A 213 -13.29 -4.21 -0.74
C VAL A 213 -14.74 -4.20 -0.24
N ARG A 214 -15.66 -3.77 -1.11
CA ARG A 214 -17.05 -3.52 -0.74
C ARG A 214 -17.96 -4.64 -1.22
N TRP A 215 -18.89 -5.07 -0.37
CA TRP A 215 -19.91 -6.01 -0.83
C TRP A 215 -20.79 -5.30 -1.85
N ALA A 216 -20.93 -5.87 -3.05
CA ALA A 216 -21.67 -5.21 -4.13
C ALA A 216 -23.13 -4.95 -3.77
N GLY A 217 -23.67 -5.75 -2.85
CA GLY A 217 -25.01 -5.50 -2.34
C GLY A 217 -26.14 -5.77 -3.31
N ASN A 218 -25.83 -6.48 -4.39
CA ASN A 218 -26.80 -6.74 -5.44
C ASN A 218 -27.79 -7.84 -5.08
N GLU A 219 -29.00 -7.76 -5.62
CA GLU A 219 -29.92 -8.89 -5.59
C GLU A 219 -29.36 -9.96 -6.53
N ALA A 220 -29.43 -11.21 -6.13
CA ALA A 220 -28.88 -12.30 -6.93
C ALA A 220 -29.39 -12.28 -8.36
N GLY A 221 -28.48 -12.39 -9.32
CA GLY A 221 -28.83 -12.34 -10.73
C GLY A 221 -28.79 -10.93 -11.28
N HIS A 222 -28.37 -9.99 -10.45
CA HIS A 222 -28.30 -8.59 -10.83
C HIS A 222 -26.94 -7.99 -10.50
N VAL A 223 -26.49 -7.09 -11.36
CA VAL A 223 -25.32 -6.25 -11.08
C VAL A 223 -25.73 -4.81 -11.38
N ARG A 224 -25.02 -3.86 -10.80
CA ARG A 224 -25.28 -2.46 -11.09
C ARG A 224 -25.05 -2.15 -12.57
N ASP A 225 -25.92 -1.32 -13.14
CA ASP A 225 -25.70 -0.82 -14.49
C ASP A 225 -24.46 0.06 -14.45
N ASN A 226 -24.37 0.88 -13.41
CA ASN A 226 -23.21 1.72 -13.19
C ASN A 226 -22.57 1.40 -11.85
N GLU A 227 -21.38 0.80 -11.91
CA GLU A 227 -20.65 0.45 -10.71
C GLU A 227 -19.44 1.38 -10.58
N TRP A 228 -19.49 2.27 -9.61
CA TRP A 228 -18.41 3.20 -9.33
C TRP A 228 -17.57 2.69 -8.19
N SER A 229 -16.26 2.69 -8.40
CA SER A 229 -15.33 2.34 -7.34
C SER A 229 -15.07 3.52 -6.43
N VAL A 230 -15.50 4.71 -6.86
CA VAL A 230 -15.34 5.92 -6.05
C VAL A 230 -16.68 6.23 -5.40
N VAL A 231 -16.73 6.07 -4.08
CA VAL A 231 -18.01 6.16 -3.35
C VAL A 231 -17.81 6.83 -2.00
N PRO A 232 -18.93 7.23 -1.36
CA PRO A 232 -18.85 7.91 -0.06
C PRO A 232 -18.16 7.04 0.97
N ARG A 233 -17.28 7.66 1.75
CA ARG A 233 -16.45 6.93 2.69
C ARG A 233 -17.26 6.23 3.77
N ARG A 234 -18.44 6.76 4.06
CA ARG A 234 -19.31 6.16 5.07
C ARG A 234 -19.67 4.71 4.75
N LEU A 235 -19.62 4.33 3.47
CA LEU A 235 -19.93 2.95 3.09
C LEU A 235 -18.94 1.96 3.71
N ARG A 236 -17.80 2.47 4.15
CA ARG A 236 -16.77 1.60 4.74
C ARG A 236 -17.10 1.07 6.12
N SER A 237 -17.94 1.78 6.86
CA SER A 237 -18.35 1.28 8.18
C SER A 237 -19.79 0.76 8.20
N ALA A 238 -20.25 0.28 7.04
CA ALA A 238 -21.64 -0.13 6.87
C ALA A 238 -21.95 -1.48 7.53
N THR A 256 -29.44 9.43 3.96
CA THR A 256 -28.83 8.14 4.29
C THR A 256 -28.54 7.33 3.02
N VAL A 257 -27.69 6.31 3.17
CA VAL A 257 -27.26 5.49 2.03
C VAL A 257 -26.88 4.08 2.47
N SER A 258 -27.19 3.09 1.64
CA SER A 258 -26.80 1.71 1.93
C SER A 258 -26.13 1.03 0.76
N SER A 259 -25.40 -0.04 1.06
CA SER A 259 -24.62 -0.80 0.09
C SER A 259 -25.47 -1.36 -1.04
N GLN A 260 -26.78 -1.39 -0.83
CA GLN A 260 -27.67 -2.03 -1.80
C GLN A 260 -28.30 -1.02 -2.77
N ASP A 261 -28.06 0.28 -2.55
CA ASP A 261 -28.62 1.30 -3.44
C ASP A 261 -28.11 1.10 -4.86
N ASP A 262 -28.98 1.33 -5.84
CA ASP A 262 -28.59 1.22 -7.25
C ASP A 262 -27.53 2.23 -7.64
N ASP A 263 -27.66 3.47 -7.16
CA ASP A 263 -26.72 4.54 -7.48
C ASP A 263 -25.90 4.97 -6.27
N LEU A 264 -24.66 4.49 -6.19
CA LEU A 264 -23.78 4.86 -5.08
C LEU A 264 -22.83 5.99 -5.45
N GLY A 265 -22.47 6.07 -6.73
CA GLY A 265 -21.35 6.89 -7.13
C GLY A 265 -21.53 7.97 -8.18
N SER A 266 -22.73 8.14 -8.72
CA SER A 266 -22.94 9.19 -9.72
C SER A 266 -22.59 10.55 -9.14
N ARG A 267 -22.37 11.55 -9.99
CA ARG A 267 -22.06 12.90 -9.49
C ARG A 267 -23.14 13.39 -8.52
N GLU A 268 -24.39 13.18 -8.90
CA GLU A 268 -25.51 13.57 -8.06
C GLU A 268 -25.50 12.85 -6.70
N ALA A 269 -25.13 11.57 -6.69
CA ALA A 269 -25.09 10.82 -5.42
C ALA A 269 -23.97 11.27 -4.47
N VAL A 270 -22.85 11.70 -5.01
CA VAL A 270 -21.67 11.96 -4.18
C VAL A 270 -21.44 13.45 -3.96
N ALA A 271 -22.25 14.27 -4.64
CA ALA A 271 -22.11 15.71 -4.58
C ALA A 271 -21.95 16.24 -3.15
N GLY A 272 -22.96 15.99 -2.32
CA GLY A 272 -22.96 16.53 -0.97
C GLY A 272 -21.85 16.02 -0.06
N TYR A 273 -21.08 15.04 -0.53
CA TYR A 273 -20.05 14.42 0.32
C TYR A 273 -18.68 15.06 0.17
N GLY A 274 -18.50 15.84 -0.90
CA GLY A 274 -17.24 16.52 -1.14
C GLY A 274 -16.07 15.55 -1.11
N ASP A 275 -15.06 15.85 -0.30
CA ASP A 275 -13.86 15.01 -0.22
C ASP A 275 -14.09 13.72 0.57
N ASN A 276 -15.26 13.59 1.19
CA ASN A 276 -15.51 12.43 2.04
C ASN A 276 -15.94 11.24 1.19
N VAL A 277 -15.16 10.96 0.15
CA VAL A 277 -15.35 9.80 -0.69
C VAL A 277 -14.03 9.03 -0.73
N CYS A 278 -14.04 7.83 -1.32
CA CYS A 278 -12.85 7.01 -1.29
C CYS A 278 -12.89 5.96 -2.39
N TRP A 279 -11.78 5.25 -2.57
CA TRP A 279 -11.73 4.11 -3.49
C TRP A 279 -12.17 2.85 -2.74
N TYR A 280 -13.32 2.31 -3.09
CA TYR A 280 -13.91 1.20 -2.33
C TYR A 280 -14.67 0.31 -3.32
N PRO A 281 -13.93 -0.55 -4.04
CA PRO A 281 -14.43 -1.28 -5.21
C PRO A 281 -15.31 -2.48 -4.84
N ALA A 282 -16.21 -2.85 -5.74
CA ALA A 282 -17.23 -3.88 -5.46
C ALA A 282 -16.77 -5.30 -5.72
N GLU A 283 -17.25 -6.20 -4.86
CA GLU A 283 -17.10 -7.63 -5.04
C GLU A 283 -18.48 -8.25 -5.04
N VAL A 284 -18.83 -8.93 -6.12
CA VAL A 284 -20.06 -9.72 -6.20
C VAL A 284 -19.78 -11.10 -5.63
N ASP A 285 -20.57 -11.53 -4.64
CA ASP A 285 -20.39 -12.88 -4.12
C ASP A 285 -21.65 -13.69 -4.25
N THR A 286 -21.51 -14.93 -4.70
CA THR A 286 -22.64 -15.81 -4.82
C THR A 286 -22.15 -17.24 -4.71
N SER A 287 -23.09 -18.14 -4.44
CA SER A 287 -22.76 -19.56 -4.35
C SER A 287 -23.24 -20.25 -5.63
N ILE A 288 -22.56 -21.32 -5.98
CA ILE A 288 -22.92 -22.10 -7.14
C ILE A 288 -24.21 -22.91 -6.85
N ARG A 289 -24.57 -22.99 -5.57
CA ARG A 289 -25.81 -23.63 -5.13
C ARG A 289 -26.65 -22.63 -4.34
N PRO A 290 -27.93 -22.96 -4.09
CA PRO A 290 -28.75 -22.09 -3.24
C PRO A 290 -28.10 -21.86 -1.87
N GLY A 291 -27.60 -22.93 -1.25
CA GLY A 291 -26.90 -22.81 0.02
C GLY A 291 -25.40 -22.53 -0.13
N TRP A 292 -24.76 -22.08 0.94
CA TRP A 292 -23.31 -21.88 0.96
C TRP A 292 -22.57 -23.17 1.29
N PHE A 293 -23.14 -23.95 2.19
CA PHE A 293 -22.59 -25.28 2.46
C PHE A 293 -23.22 -26.32 1.55
N TYR A 294 -22.60 -27.50 1.51
CA TYR A 294 -23.06 -28.54 0.60
C TYR A 294 -24.29 -29.23 1.19
N HIS A 295 -25.33 -29.40 0.37
CA HIS A 295 -26.50 -30.21 0.75
C HIS A 295 -26.87 -31.07 -0.45
N GLN A 296 -26.95 -32.38 -0.22
CA GLN A 296 -27.22 -33.31 -1.29
C GLN A 296 -28.49 -32.99 -2.05
N SER A 297 -29.52 -32.55 -1.32
CA SER A 297 -30.79 -32.16 -1.93
C SER A 297 -30.62 -31.06 -2.97
N GLU A 298 -29.49 -30.34 -2.92
CA GLU A 298 -29.27 -29.25 -3.86
C GLU A 298 -28.40 -29.64 -5.06
N ASP A 299 -28.11 -30.94 -5.18
CA ASP A 299 -27.25 -31.41 -6.26
C ASP A 299 -27.85 -31.21 -7.65
N ASP A 300 -29.16 -31.00 -7.72
CA ASP A 300 -29.78 -30.69 -9.01
C ASP A 300 -30.01 -29.18 -9.20
N LYS A 301 -29.42 -28.39 -8.31
CA LYS A 301 -29.60 -26.95 -8.33
C LYS A 301 -28.27 -26.20 -8.45
N VAL A 302 -27.29 -26.84 -9.08
CA VAL A 302 -25.98 -26.25 -9.27
C VAL A 302 -26.02 -25.42 -10.55
N SER A 304 -25.20 -23.85 -13.99
CA SER A 304 -24.54 -24.44 -15.15
C SER A 304 -23.35 -23.60 -15.58
N ALA A 305 -22.50 -24.19 -16.43
CA ALA A 305 -21.35 -23.47 -16.97
C ALA A 305 -21.79 -22.20 -17.69
N ASP A 306 -22.91 -22.27 -18.41
CA ASP A 306 -23.42 -21.09 -19.09
C ASP A 306 -23.92 -20.01 -18.13
N GLN A 307 -24.56 -20.42 -17.03
CA GLN A 307 -25.00 -19.47 -16.03
C GLN A 307 -23.81 -18.77 -15.38
N LEU A 308 -22.75 -19.53 -15.14
CA LEU A 308 -21.56 -18.96 -14.54
C LEU A 308 -20.88 -18.01 -15.52
N PHE A 309 -20.87 -18.39 -16.79
CA PHE A 309 -20.20 -17.55 -17.78
C PHE A 309 -20.91 -16.21 -17.89
N ASP A 310 -22.23 -16.25 -18.01
CA ASP A 310 -22.99 -15.00 -18.04
C ASP A 310 -22.71 -14.14 -16.82
N LEU A 311 -22.57 -14.76 -15.67
CA LEU A 311 -22.25 -14.07 -14.41
C LEU A 311 -20.88 -13.40 -14.51
N TRP A 312 -19.89 -14.19 -14.94
CA TRP A 312 -18.54 -13.69 -15.16
C TRP A 312 -18.55 -12.48 -16.08
N LEU A 313 -19.22 -12.61 -17.23
CA LEU A 313 -19.30 -11.51 -18.19
C LEU A 313 -19.94 -10.28 -17.57
N SER A 314 -20.93 -10.52 -16.72
CA SER A 314 -21.67 -9.43 -16.10
C SER A 314 -20.88 -8.74 -14.98
N ALA A 315 -20.14 -9.53 -14.20
CA ALA A 315 -19.42 -8.97 -13.05
C ALA A 315 -18.06 -8.44 -13.48
N VAL A 316 -17.23 -9.34 -14.01
CA VAL A 316 -15.89 -9.00 -14.45
C VAL A 316 -15.97 -8.09 -15.69
N GLY A 317 -17.10 -8.11 -16.38
CA GLY A 317 -17.37 -7.16 -17.45
C GLY A 317 -18.19 -5.97 -16.97
N GLY A 318 -18.23 -5.77 -15.66
CA GLY A 318 -19.00 -4.69 -15.07
C GLY A 318 -18.35 -4.04 -13.86
N ASN A 319 -17.02 -3.96 -13.87
CA ASN A 319 -16.25 -3.29 -12.81
C ASN A 319 -16.48 -3.84 -11.40
N SER A 320 -16.55 -5.16 -11.31
CA SER A 320 -16.67 -5.83 -10.02
CA SER A 320 -16.73 -5.86 -10.03
C SER A 320 -15.88 -7.12 -10.04
N SER A 321 -15.27 -7.48 -8.91
CA SER A 321 -14.62 -8.78 -8.80
CA SER A 321 -14.62 -8.77 -8.82
C SER A 321 -15.71 -9.79 -8.53
N LEU A 322 -15.43 -11.07 -8.77
CA LEU A 322 -16.43 -12.12 -8.57
C LEU A 322 -15.90 -13.16 -7.61
N LEU A 323 -16.59 -13.31 -6.47
CA LEU A 323 -16.30 -14.33 -5.48
C LEU A 323 -17.34 -15.43 -5.61
N LEU A 324 -16.92 -16.61 -6.05
CA LEU A 324 -17.84 -17.71 -6.31
C LEU A 324 -17.61 -18.83 -5.32
N ASN A 325 -18.63 -19.14 -4.52
CA ASN A 325 -18.55 -20.23 -3.56
C ASN A 325 -18.87 -21.61 -4.13
N ILE A 326 -17.99 -22.57 -3.87
CA ILE A 326 -18.21 -23.97 -4.21
C ILE A 326 -17.92 -24.85 -2.98
N PRO A 327 -18.96 -25.48 -2.41
CA PRO A 327 -18.82 -26.24 -1.16
C PRO A 327 -18.50 -27.72 -1.37
N PRO A 328 -17.37 -28.21 -0.80
CA PRO A 328 -17.08 -29.66 -0.84
C PRO A 328 -18.16 -30.48 -0.12
N SER A 329 -18.37 -31.72 -0.56
CA SER A 329 -19.38 -32.59 0.01
C SER A 329 -18.85 -33.19 1.32
N PRO A 330 -19.73 -33.84 2.11
CA PRO A 330 -19.32 -34.44 3.38
C PRO A 330 -18.24 -35.50 3.20
N GLU A 331 -18.14 -36.08 2.00
CA GLU A 331 -17.09 -37.06 1.74
C GLU A 331 -15.72 -36.38 1.67
N GLY A 332 -15.72 -35.11 1.26
CA GLY A 332 -14.49 -34.32 1.17
C GLY A 332 -14.04 -34.07 -0.25
N LEU A 333 -14.99 -34.06 -1.18
CA LEU A 333 -14.69 -33.82 -2.58
C LEU A 333 -15.65 -32.79 -3.10
N LEU A 334 -15.23 -32.04 -4.12
CA LEU A 334 -16.20 -31.25 -4.89
C LEU A 334 -17.06 -32.22 -5.68
N ALA A 335 -18.37 -31.98 -5.69
CA ALA A 335 -19.32 -32.86 -6.37
C ALA A 335 -19.18 -32.77 -7.89
N GLU A 336 -19.60 -33.82 -8.58
CA GLU A 336 -19.50 -33.88 -10.04
C GLU A 336 -20.13 -32.72 -10.81
N PRO A 337 -21.36 -32.30 -10.44
CA PRO A 337 -21.95 -31.19 -11.19
C PRO A 337 -21.15 -29.89 -11.05
N ASP A 338 -20.68 -29.63 -9.83
CA ASP A 338 -19.87 -28.44 -9.56
C ASP A 338 -18.59 -28.48 -10.36
N VAL A 339 -17.90 -29.61 -10.35
CA VAL A 339 -16.67 -29.72 -11.13
C VAL A 339 -16.92 -29.48 -12.63
N GLN A 340 -18.00 -30.05 -13.16
CA GLN A 340 -18.35 -29.87 -14.57
C GLN A 340 -18.69 -28.42 -14.89
N SER A 341 -19.47 -27.78 -14.03
CA SER A 341 -19.79 -26.38 -14.26
C SER A 341 -18.53 -25.54 -14.29
N LEU A 342 -17.64 -25.80 -13.34
CA LEU A 342 -16.36 -25.08 -13.26
C LEU A 342 -15.55 -25.28 -14.55
N LYS A 343 -15.49 -26.52 -14.98
CA LYS A 343 -14.71 -26.87 -16.17
C LYS A 343 -15.27 -26.13 -17.38
N GLY A 344 -16.59 -26.12 -17.51
CA GLY A 344 -17.22 -25.45 -18.61
C GLY A 344 -17.05 -23.95 -18.51
N LEU A 345 -17.12 -23.40 -17.30
CA LEU A 345 -16.86 -21.96 -17.08
C LEU A 345 -15.47 -21.59 -17.58
N GLY A 346 -14.48 -22.36 -17.15
CA GLY A 346 -13.11 -22.10 -17.53
C GLY A 346 -12.90 -22.21 -19.03
N ARG A 347 -13.59 -23.14 -19.66
CA ARG A 347 -13.44 -23.30 -21.11
C ARG A 347 -13.99 -22.10 -21.84
N ARG A 348 -15.16 -21.62 -21.40
CA ARG A 348 -15.80 -20.46 -22.00
C ARG A 348 -14.98 -19.18 -21.81
N VAL A 349 -14.41 -19.01 -20.63
CA VAL A 349 -13.57 -17.84 -20.39
C VAL A 349 -12.30 -17.86 -21.26
N SER A 350 -11.70 -19.03 -21.46
CA SER A 350 -10.47 -19.13 -22.24
CA SER A 350 -10.46 -19.09 -22.24
C SER A 350 -10.74 -18.93 -23.73
N GLU A 351 -11.87 -19.43 -24.19
CA GLU A 351 -12.27 -19.29 -25.59
C GLU A 351 -12.49 -17.81 -25.87
N PHE A 352 -13.00 -17.10 -24.87
CA PHE A 352 -13.28 -15.68 -24.96
C PHE A 352 -12.00 -14.87 -25.08
N ARG A 353 -11.00 -15.22 -24.28
CA ARG A 353 -9.73 -14.51 -24.30
C ARG A 353 -8.94 -14.87 -25.54
N GLU A 354 -9.03 -16.12 -25.97
CA GLU A 354 -8.32 -16.60 -27.14
C GLU A 354 -8.82 -15.87 -28.39
N ALA A 355 -10.12 -15.58 -28.43
CA ALA A 355 -10.70 -14.86 -29.55
C ALA A 355 -10.38 -13.37 -29.42
N LEU A 356 -10.13 -12.94 -28.19
CA LEU A 356 -9.81 -11.54 -27.92
C LEU A 356 -8.36 -11.23 -28.30
N ALA A 357 -7.60 -12.28 -28.59
CA ALA A 357 -6.22 -12.12 -29.03
C ALA A 357 -6.12 -12.45 -30.52
N SER A 358 -6.99 -13.33 -30.99
CA SER A 358 -7.04 -13.66 -32.41
C SER A 358 -7.54 -12.44 -33.20
N VAL A 359 -7.95 -11.40 -32.48
CA VAL A 359 -8.59 -10.25 -33.09
C VAL A 359 -7.58 -9.38 -33.84
N ARG A 360 -7.86 -9.14 -35.12
CA ARG A 360 -7.04 -8.28 -35.97
C ARG A 360 -7.78 -6.97 -36.20
N CYS A 361 -7.27 -5.89 -35.62
CA CYS A 361 -7.93 -4.59 -35.71
C CYS A 361 -6.95 -3.46 -35.97
N GLU A 362 -7.42 -2.44 -36.66
CA GLU A 362 -6.67 -1.20 -36.80
C GLU A 362 -7.32 -0.16 -35.90
N ALA A 363 -6.58 0.28 -34.89
CA ALA A 363 -7.09 1.30 -33.97
C ALA A 363 -6.75 2.72 -34.40
N ARG A 364 -7.78 3.57 -34.49
CA ARG A 364 -7.58 4.97 -34.80
CA ARG A 364 -7.62 4.98 -34.82
C ARG A 364 -8.31 5.81 -33.74
N THR A 365 -7.71 6.93 -33.37
CA THR A 365 -8.29 7.76 -32.32
C THR A 365 -8.62 9.18 -32.80
N SER A 366 -9.53 9.83 -32.06
CA SER A 366 -10.01 11.16 -32.43
C SER A 366 -8.94 12.21 -32.17
N SER A 367 -8.05 11.95 -31.22
CA SER A 367 -6.87 12.79 -31.01
C SER A 367 -5.76 11.94 -30.42
N ALA A 368 -4.62 12.55 -30.14
CA ALA A 368 -3.50 11.83 -29.54
C ALA A 368 -3.24 10.50 -30.26
N SER A 369 -3.23 10.56 -31.58
CA SER A 369 -3.07 9.35 -32.40
C SER A 369 -1.77 8.60 -32.07
N ALA A 370 -0.77 9.32 -31.59
CA ALA A 370 0.48 8.70 -31.17
C ALA A 370 0.26 7.66 -30.07
N ALA A 371 -0.67 7.95 -29.16
CA ALA A 371 -0.96 7.06 -28.04
C ALA A 371 -1.97 5.97 -28.42
N ALA A 372 -2.44 6.00 -29.65
CA ALA A 372 -3.38 4.99 -30.12
C ALA A 372 -2.76 3.60 -30.05
N ALA A 373 -1.44 3.54 -30.15
CA ALA A 373 -0.75 2.26 -30.09
C ALA A 373 -0.96 1.58 -28.74
N HIS A 374 -1.14 2.39 -27.70
CA HIS A 374 -1.28 1.87 -26.34
C HIS A 374 -2.53 1.02 -26.14
N LEU A 375 -3.46 1.08 -27.09
CA LEU A 375 -4.71 0.35 -26.93
C LEU A 375 -4.55 -1.13 -27.25
N VAL A 376 -3.43 -1.47 -27.87
CA VAL A 376 -3.24 -2.80 -28.42
C VAL A 376 -1.83 -3.35 -28.22
N ASP A 377 -1.07 -2.77 -27.30
CA ASP A 377 0.28 -3.28 -27.04
C ASP A 377 0.33 -4.37 -25.94
N GLY A 378 -0.83 -4.75 -25.42
CA GLY A 378 -0.91 -5.79 -24.41
C GLY A 378 -0.25 -5.38 -23.11
N ASN A 379 -0.05 -4.09 -22.94
CA ASN A 379 0.54 -3.55 -21.71
C ASN A 379 -0.54 -2.83 -20.91
N ARG A 380 -0.91 -3.38 -19.76
CA ARG A 380 -1.97 -2.75 -18.98
C ARG A 380 -1.52 -1.43 -18.36
N ASP A 381 -0.22 -1.14 -18.46
CA ASP A 381 0.31 0.11 -17.88
C ASP A 381 0.37 1.28 -18.88
N THR A 382 0.08 1.03 -20.15
CA THR A 382 0.05 2.11 -21.14
C THR A 382 -1.39 2.36 -21.58
N PHE A 383 -1.72 3.62 -21.89
CA PHE A 383 -3.10 3.96 -22.21
C PHE A 383 -3.20 5.09 -23.24
N TRP A 384 -4.35 5.19 -23.88
CA TRP A 384 -4.64 6.34 -24.72
C TRP A 384 -5.45 7.36 -23.92
N ARG A 385 -5.07 8.63 -24.04
CA ARG A 385 -5.81 9.71 -23.40
C ARG A 385 -5.94 10.84 -24.41
N PRO A 386 -7.18 11.30 -24.66
CA PRO A 386 -7.40 12.34 -25.67
C PRO A 386 -6.87 13.69 -25.20
N ASP A 387 -6.61 14.58 -26.15
CA ASP A 387 -6.21 15.94 -25.82
C ASP A 387 -7.29 16.65 -25.02
N ALA A 388 -6.88 17.60 -24.19
CA ALA A 388 -7.82 18.37 -23.38
C ALA A 388 -8.89 19.06 -24.23
N ASP A 389 -8.50 19.47 -25.44
CA ASP A 389 -9.40 20.20 -26.33
C ASP A 389 -10.15 19.30 -27.32
N ASP A 390 -10.08 17.99 -27.12
CA ASP A 390 -10.84 17.05 -27.94
C ASP A 390 -12.27 17.04 -27.40
N ALA A 391 -13.18 17.66 -28.13
CA ALA A 391 -14.55 17.81 -27.66
C ALA A 391 -15.39 16.55 -27.87
N ALA A 392 -14.88 15.62 -28.66
CA ALA A 392 -15.59 14.36 -28.89
C ALA A 392 -14.63 13.17 -28.93
N PRO A 393 -14.10 12.77 -27.76
CA PRO A 393 -13.13 11.67 -27.72
C PRO A 393 -13.71 10.37 -28.26
N ALA A 394 -13.01 9.71 -29.17
CA ALA A 394 -13.53 8.47 -29.73
C ALA A 394 -12.43 7.58 -30.27
N ILE A 395 -12.67 6.27 -30.23
CA ILE A 395 -11.75 5.29 -30.77
C ILE A 395 -12.44 4.52 -31.90
N THR A 396 -11.83 4.49 -33.07
CA THR A 396 -12.39 3.72 -34.18
C THR A 396 -11.58 2.45 -34.41
N LEU A 397 -12.25 1.32 -34.43
CA LEU A 397 -11.60 0.06 -34.72
C LEU A 397 -12.10 -0.43 -36.06
N THR A 398 -11.19 -0.52 -37.03
CA THR A 398 -11.56 -1.01 -38.35
C THR A 398 -11.10 -2.46 -38.55
N LEU A 399 -11.99 -3.26 -39.11
CA LEU A 399 -11.73 -4.69 -39.30
C LEU A 399 -11.21 -4.96 -40.70
N PRO A 400 -10.27 -5.91 -40.83
CA PRO A 400 -9.63 -6.22 -42.12
C PRO A 400 -10.66 -6.51 -43.19
N GLN A 401 -11.82 -7.00 -42.77
CA GLN A 401 -12.97 -7.19 -43.66
C GLN A 401 -14.22 -7.40 -42.82
N PRO A 402 -15.40 -7.37 -43.44
CA PRO A 402 -16.65 -7.53 -42.69
C PRO A 402 -16.60 -8.72 -41.75
N THR A 403 -16.79 -8.48 -40.46
CA THR A 403 -16.81 -9.54 -39.47
C THR A 403 -18.01 -9.41 -38.56
N THR A 404 -18.50 -10.52 -38.04
CA THR A 404 -19.61 -10.51 -37.11
C THR A 404 -19.08 -10.35 -35.67
N ILE A 405 -19.65 -9.38 -34.95
CA ILE A 405 -19.26 -9.15 -33.57
C ILE A 405 -20.50 -9.05 -32.69
N ASN A 406 -20.35 -9.32 -31.40
CA ASN A 406 -21.48 -9.15 -30.49
C ASN A 406 -21.09 -8.52 -29.15
N ALA A 407 -19.85 -8.07 -29.05
CA ALA A 407 -19.42 -7.35 -27.86
C ALA A 407 -18.24 -6.42 -28.13
N ILE A 408 -18.07 -5.44 -27.27
CA ILE A 408 -16.85 -4.67 -27.23
C ILE A 408 -16.29 -4.73 -25.81
N VAL A 409 -14.97 -4.74 -25.71
CA VAL A 409 -14.28 -4.76 -24.44
C VAL A 409 -13.55 -3.44 -24.31
N ILE A 410 -13.69 -2.79 -23.16
CA ILE A 410 -12.99 -1.53 -22.94
C ILE A 410 -12.56 -1.49 -21.48
N GLU A 411 -11.34 -1.03 -21.23
CA GLU A 411 -10.75 -1.02 -19.89
C GLU A 411 -10.13 0.35 -19.62
N GLU A 412 -10.41 0.93 -18.45
CA GLU A 412 -9.74 2.18 -18.05
C GLU A 412 -8.46 1.87 -17.28
N ALA A 413 -7.51 2.82 -17.32
CA ALA A 413 -6.28 2.68 -16.55
C ALA A 413 -6.57 3.06 -15.10
N ILE A 414 -7.21 2.15 -14.36
CA ILE A 414 -7.76 2.49 -13.06
C ILE A 414 -6.69 2.87 -12.03
N GLU A 415 -5.44 2.55 -12.31
CA GLU A 415 -4.40 2.99 -11.37
C GLU A 415 -4.48 4.51 -11.21
N HIS A 416 -4.96 5.18 -12.25
CA HIS A 416 -5.08 6.64 -12.24
C HIS A 416 -6.51 7.14 -11.95
N GLY A 417 -7.41 6.25 -11.59
CA GLY A 417 -8.75 6.67 -11.23
C GLY A 417 -9.83 6.14 -12.15
N GLN A 418 -11.09 6.48 -11.86
CA GLN A 418 -12.22 6.06 -12.69
C GLN A 418 -12.98 7.27 -13.19
N ARG A 419 -13.16 7.37 -14.50
CA ARG A 419 -13.59 8.62 -15.10
C ARG A 419 -14.76 8.53 -16.07
N ILE A 420 -14.81 7.49 -16.90
CA ILE A 420 -15.83 7.42 -17.95
C ILE A 420 -17.23 7.38 -17.35
N GLU A 421 -18.15 8.20 -17.87
CA GLU A 421 -19.52 8.25 -17.36
C GLU A 421 -20.54 7.82 -18.42
N HIS A 422 -20.19 8.02 -19.69
CA HIS A 422 -21.06 7.52 -20.75
C HIS A 422 -20.31 7.09 -22.00
N LEU A 423 -20.64 5.90 -22.48
CA LEU A 423 -19.98 5.29 -23.63
C LEU A 423 -21.03 4.93 -24.65
N ARG A 424 -20.83 5.32 -25.90
CA ARG A 424 -21.78 5.02 -26.96
C ARG A 424 -21.04 4.29 -28.06
N VAL A 425 -21.53 3.11 -28.43
CA VAL A 425 -20.85 2.33 -29.44
C VAL A 425 -21.64 2.30 -30.75
N THR A 426 -20.95 2.63 -31.83
CA THR A 426 -21.54 2.63 -33.16
C THR A 426 -20.79 1.63 -34.05
N GLY A 427 -21.51 1.06 -35.01
CA GLY A 427 -20.89 0.17 -35.97
C GLY A 427 -21.14 0.64 -37.39
N ALA A 428 -20.12 0.57 -38.23
CA ALA A 428 -20.28 0.89 -39.64
C ALA A 428 -20.57 -0.41 -40.41
N LEU A 429 -21.80 -0.51 -40.91
CA LEU A 429 -22.22 -1.70 -41.64
C LEU A 429 -21.60 -1.76 -43.03
N PRO A 430 -21.45 -2.97 -43.58
CA PRO A 430 -20.97 -3.14 -44.95
C PRO A 430 -21.91 -2.45 -45.93
N ASP A 431 -23.20 -2.48 -45.59
CA ASP A 431 -24.19 -1.66 -46.26
C ASP A 431 -24.05 -0.22 -45.78
N GLY A 432 -23.23 0.55 -46.49
CA GLY A 432 -23.00 1.96 -46.19
C GLY A 432 -23.24 2.49 -44.78
N THR A 433 -24.49 2.41 -44.34
CA THR A 433 -24.94 3.04 -43.09
C THR A 433 -24.24 2.56 -41.83
N GLU A 434 -24.57 3.23 -40.72
CA GLU A 434 -24.05 2.88 -39.41
C GLU A 434 -25.14 3.08 -38.37
N ARG A 435 -25.13 2.26 -37.33
CA ARG A 435 -26.16 2.34 -36.30
C ARG A 435 -25.56 2.22 -34.90
N VAL A 436 -26.36 2.55 -33.89
CA VAL A 436 -25.94 2.39 -32.50
C VAL A 436 -26.03 0.91 -32.13
N LEU A 437 -24.92 0.36 -31.65
CA LEU A 437 -24.89 -1.04 -31.24
C LEU A 437 -25.25 -1.19 -29.76
N GLY A 438 -24.89 -0.19 -28.95
CA GLY A 438 -25.22 -0.21 -27.55
C GLY A 438 -24.58 0.94 -26.79
N GLN A 439 -25.02 1.15 -25.56
CA GLN A 439 -24.49 2.20 -24.71
C GLN A 439 -24.18 1.64 -23.34
N ALA A 440 -23.29 2.32 -22.61
CA ALA A 440 -22.99 1.96 -21.24
C ALA A 440 -22.65 3.20 -20.44
N GLY A 441 -22.66 3.07 -19.12
CA GLY A 441 -22.33 4.18 -18.26
C GLY A 441 -20.86 4.11 -17.87
N THR A 442 -20.59 3.48 -16.73
CA THR A 442 -19.23 3.34 -16.24
C THR A 442 -18.43 2.29 -17.01
N VAL A 443 -17.11 2.40 -16.92
CA VAL A 443 -16.22 1.36 -17.43
C VAL A 443 -15.35 0.79 -16.30
N GLY A 444 -14.54 1.63 -15.68
CA GLY A 444 -13.65 1.14 -14.61
C GLY A 444 -12.68 0.06 -15.08
N TYR A 445 -12.52 -0.98 -14.28
CA TYR A 445 -11.53 -2.01 -14.59
C TYR A 445 -11.83 -2.65 -15.95
N ARG A 446 -13.09 -3.00 -16.19
CA ARG A 446 -13.47 -3.57 -17.47
C ARG A 446 -14.96 -3.49 -17.68
N ARG A 447 -15.33 -3.08 -18.88
CA ARG A 447 -16.72 -3.15 -19.32
C ARG A 447 -16.76 -4.06 -20.53
N ILE A 448 -17.55 -5.12 -20.43
CA ILE A 448 -17.84 -5.94 -21.60
C ILE A 448 -19.27 -5.60 -22.03
N LEU A 449 -19.40 -4.84 -23.12
CA LEU A 449 -20.70 -4.39 -23.57
C LEU A 449 -21.25 -5.36 -24.62
N ARG A 450 -22.35 -6.03 -24.29
CA ARG A 450 -22.90 -7.07 -25.15
C ARG A 450 -24.11 -6.60 -25.94
N PHE A 451 -24.25 -7.11 -27.16
CA PHE A 451 -25.38 -6.77 -28.01
C PHE A 451 -25.63 -7.86 -29.05
N ASP A 452 -26.71 -7.71 -29.81
CA ASP A 452 -27.07 -8.71 -30.81
C ASP A 452 -25.96 -8.88 -31.84
N ASP A 453 -25.73 -10.12 -32.28
CA ASP A 453 -24.74 -10.43 -33.29
C ASP A 453 -24.97 -9.53 -34.51
N VAL A 454 -23.91 -8.88 -34.97
CA VAL A 454 -24.01 -7.95 -36.10
C VAL A 454 -22.75 -8.03 -36.97
N GLU A 455 -22.91 -7.80 -38.26
CA GLU A 455 -21.76 -7.74 -39.17
C GLU A 455 -21.40 -6.29 -39.47
N VAL A 456 -20.14 -5.94 -39.19
CA VAL A 456 -19.68 -4.58 -39.36
C VAL A 456 -18.31 -4.56 -40.05
N SER A 457 -17.93 -3.41 -40.57
CA SER A 457 -16.59 -3.25 -41.12
C SER A 457 -15.73 -2.46 -40.13
N SER A 458 -16.40 -1.77 -39.21
CA SER A 458 -15.69 -1.07 -38.14
C SER A 458 -16.67 -0.70 -37.02
N VAL A 459 -16.11 -0.36 -35.86
CA VAL A 459 -16.91 0.16 -34.75
C VAL A 459 -16.24 1.40 -34.18
N THR A 460 -17.05 2.32 -33.67
CA THR A 460 -16.52 3.47 -32.97
C THR A 460 -17.03 3.52 -31.53
N LEU A 461 -16.10 3.74 -30.60
CA LEU A 461 -16.45 3.90 -29.20
C LEU A 461 -16.39 5.39 -28.90
N HIS A 462 -17.55 5.98 -28.64
CA HIS A 462 -17.65 7.39 -28.36
C HIS A 462 -17.71 7.56 -26.86
N VAL A 463 -16.72 8.25 -26.31
CA VAL A 463 -16.73 8.54 -24.88
C VAL A 463 -17.46 9.86 -24.69
N ASP A 464 -18.78 9.78 -24.62
CA ASP A 464 -19.67 10.94 -24.57
C ASP A 464 -19.59 11.74 -23.29
N GLY A 465 -19.25 11.08 -22.20
CA GLY A 465 -19.16 11.74 -20.92
C GLY A 465 -18.03 11.15 -20.11
N SER A 466 -17.38 11.99 -19.32
CA SER A 466 -16.22 11.57 -18.55
C SER A 466 -15.86 12.67 -17.58
N ARG A 467 -15.38 12.26 -16.41
CA ARG A 467 -14.86 13.17 -15.41
C ARG A 467 -13.43 13.51 -15.77
N LEU A 468 -13.24 14.63 -16.46
CA LEU A 468 -11.94 14.98 -17.03
C LEU A 468 -11.60 14.00 -18.14
N ALA A 469 -10.36 14.04 -18.63
CA ALA A 469 -9.98 13.22 -19.78
C ALA A 469 -9.83 11.76 -19.36
N PRO A 470 -10.46 10.84 -20.10
CA PRO A 470 -10.39 9.40 -19.81
C PRO A 470 -9.06 8.81 -20.24
N ILE A 472 -7.61 5.20 -21.35
CA ILE A 472 -8.13 3.91 -21.76
C ILE A 472 -6.97 3.00 -22.16
N SER A 473 -6.85 1.86 -21.50
CA SER A 473 -5.68 1.00 -21.67
C SER A 473 -5.92 -0.12 -22.68
N ARG A 474 -7.19 -0.39 -22.99
CA ARG A 474 -7.53 -1.36 -24.01
C ARG A 474 -8.93 -1.15 -24.57
N ALA A 475 -9.09 -1.42 -25.87
CA ALA A 475 -10.39 -1.41 -26.51
C ALA A 475 -10.38 -2.48 -27.59
N ALA A 476 -11.50 -3.17 -27.76
CA ALA A 476 -11.55 -4.29 -28.70
C ALA A 476 -12.98 -4.65 -29.05
N ALA A 477 -13.17 -5.18 -30.25
CA ALA A 477 -14.47 -5.65 -30.71
C ALA A 477 -14.35 -7.15 -30.96
N VAL A 478 -15.29 -7.93 -30.43
CA VAL A 478 -15.19 -9.38 -30.56
C VAL A 478 -16.52 -10.10 -30.63
N ARG A 479 -16.44 -11.36 -31.01
CA ARG A 479 -17.59 -12.24 -31.00
C ARG A 479 -17.45 -13.28 -29.89
N ILE A 480 -18.42 -13.31 -28.97
CA ILE A 480 -18.42 -14.33 -27.93
C ILE A 480 -19.22 -15.54 -28.42
N GLY B 10 3.61 -9.69 29.66
CA GLY B 10 3.28 -10.69 28.66
C GLY B 10 3.65 -10.23 27.26
N ILE B 11 4.23 -11.13 26.48
CA ILE B 11 4.70 -10.78 25.14
C ILE B 11 4.50 -11.92 24.14
N ASN B 12 3.98 -11.59 22.96
CA ASN B 12 3.75 -12.58 21.92
C ASN B 12 4.71 -12.40 20.75
N LEU B 13 5.77 -13.19 20.72
CA LEU B 13 6.78 -13.08 19.67
C LEU B 13 6.18 -13.39 18.30
N ASN B 14 5.19 -14.27 18.26
CA ASN B 14 4.55 -14.62 17.00
C ASN B 14 3.85 -13.41 16.37
N TYR B 15 3.36 -12.50 17.21
CA TYR B 15 2.80 -11.26 16.66
C TYR B 15 3.93 -10.27 16.33
N LEU B 16 4.73 -9.90 17.33
CA LEU B 16 5.76 -8.87 17.17
C LEU B 16 6.72 -9.10 16.01
N ALA B 17 7.19 -10.34 15.87
CA ALA B 17 8.21 -10.64 14.86
C ALA B 17 7.64 -10.72 13.45
N ASN B 18 6.33 -10.54 13.33
CA ASN B 18 5.64 -10.61 12.05
C ASN B 18 4.91 -9.31 11.69
N VAL B 19 5.08 -8.27 12.50
CA VAL B 19 4.60 -6.93 12.16
C VAL B 19 5.45 -6.39 11.01
N ARG B 20 4.81 -5.99 9.91
CA ARG B 20 5.52 -5.68 8.66
C ARG B 20 5.14 -4.35 8.02
N PRO B 21 6.02 -3.78 7.17
CA PRO B 21 5.69 -2.52 6.52
C PRO B 21 4.67 -2.70 5.39
N SER B 22 3.87 -1.67 5.15
CA SER B 22 3.03 -1.64 3.97
C SER B 22 3.87 -1.40 2.72
N SER B 23 3.27 -1.57 1.55
CA SER B 23 3.95 -1.31 0.30
C SER B 23 4.52 0.11 0.25
N ARG B 24 3.72 1.11 0.64
CA ARG B 24 4.20 2.49 0.62
C ARG B 24 5.36 2.73 1.59
N GLN B 25 5.32 2.07 2.75
CA GLN B 25 6.39 2.26 3.74
C GLN B 25 7.68 1.59 3.30
N LEU B 26 7.56 0.53 2.52
CA LEU B 26 8.75 -0.18 2.04
C LEU B 26 9.42 0.68 0.95
N ALA B 27 8.62 1.17 0.02
CA ALA B 27 9.14 2.04 -1.04
C ALA B 27 9.83 3.26 -0.43
N TRP B 28 9.20 3.86 0.58
CA TRP B 28 9.80 5.00 1.25
C TRP B 28 11.14 4.65 1.90
N GLN B 29 11.19 3.52 2.61
CA GLN B 29 12.39 3.12 3.32
C GLN B 29 13.57 3.01 2.37
N ARG B 30 13.30 2.54 1.15
CA ARG B 30 14.36 2.34 0.17
C ARG B 30 14.94 3.66 -0.38
N GLU B 32 15.97 6.19 1.62
CA GLU B 32 17.12 6.36 2.51
C GLU B 32 17.36 7.80 2.94
N TYR B 34 16.60 12.08 1.66
CA TYR B 34 15.99 13.02 0.72
C TYR B 34 16.05 14.42 1.32
N ALA B 35 15.72 15.43 0.53
CA ALA B 35 15.91 16.81 0.96
C ALA B 35 14.61 17.51 1.34
N PHE B 36 14.74 18.52 2.18
CA PHE B 36 13.64 19.44 2.44
C PHE B 36 14.09 20.77 1.79
N LEU B 37 13.19 21.47 1.11
CA LEU B 37 13.51 22.82 0.61
C LEU B 37 12.59 23.81 1.28
N HIS B 38 13.14 24.62 2.18
CA HIS B 38 12.37 25.72 2.76
C HIS B 38 12.65 26.98 1.97
N PHE B 39 11.63 27.47 1.28
CA PHE B 39 11.77 28.67 0.45
C PHE B 39 10.43 29.35 0.37
N GLY B 40 10.44 30.68 0.48
CA GLY B 40 9.20 31.44 0.37
C GLY B 40 9.29 32.83 0.97
N ASN B 42 9.33 33.88 4.16
CA ASN B 42 10.37 33.97 5.19
C ASN B 42 11.80 34.19 4.64
N THR B 43 12.09 33.63 3.46
CA THR B 43 13.39 33.87 2.83
C THR B 43 13.53 35.35 2.51
N THR B 45 12.06 37.93 3.84
CA THR B 45 12.06 38.82 5.00
C THR B 45 13.20 38.48 5.96
N ASP B 46 13.93 37.41 5.66
CA ASP B 46 15.03 36.97 6.53
C ASP B 46 14.54 36.56 7.93
N ARG B 47 13.51 35.71 7.98
CA ARG B 47 12.91 35.29 9.24
CA ARG B 47 12.93 35.29 9.25
C ARG B 47 12.79 33.78 9.33
N GLU B 48 12.74 33.26 10.55
CA GLU B 48 12.45 31.85 10.76
C GLU B 48 10.95 31.72 10.94
N TRP B 49 10.36 32.75 11.53
CA TRP B 49 8.94 32.78 11.85
C TRP B 49 8.29 34.00 11.20
N GLY B 50 7.29 33.76 10.35
CA GLY B 50 6.61 34.84 9.66
C GLY B 50 5.46 35.41 10.48
N LEU B 51 5.02 36.60 10.14
CA LEU B 51 3.97 37.28 10.88
C LEU B 51 2.61 37.04 10.25
N GLY B 52 2.60 36.71 8.97
CA GLY B 52 1.37 36.62 8.20
C GLY B 52 1.05 37.99 7.60
N HIS B 53 0.26 38.00 6.53
CA HIS B 53 -0.16 39.24 5.88
C HIS B 53 0.98 40.04 5.23
N GLU B 54 2.11 39.39 5.01
CA GLU B 54 3.23 40.03 4.32
C GLU B 54 2.82 40.50 2.93
N ASP B 55 3.41 41.62 2.50
CA ASP B 55 3.18 42.16 1.17
C ASP B 55 3.69 41.20 0.11
N PRO B 56 2.81 40.71 -0.77
CA PRO B 56 3.27 39.78 -1.81
C PRO B 56 4.31 40.42 -2.74
N ALA B 57 4.42 41.74 -2.74
CA ALA B 57 5.43 42.41 -3.56
C ALA B 57 6.84 42.04 -3.09
N LEU B 58 6.96 41.59 -1.84
CA LEU B 58 8.26 41.23 -1.29
C LEU B 58 8.81 39.94 -1.91
N PHE B 59 7.96 39.18 -2.57
CA PHE B 59 8.42 37.95 -3.20
C PHE B 59 8.83 38.22 -4.64
N ASN B 60 10.10 38.55 -4.82
CA ASN B 60 10.58 38.93 -6.13
C ASN B 60 12.01 38.45 -6.38
N PRO B 61 12.28 37.16 -6.10
CA PRO B 61 13.66 36.67 -6.25
C PRO B 61 14.08 36.87 -7.69
N ARG B 62 15.26 37.44 -7.89
CA ARG B 62 15.72 37.83 -9.21
C ARG B 62 16.08 36.63 -10.09
N ASN B 63 16.57 35.56 -9.48
CA ASN B 63 17.18 34.50 -10.27
C ASN B 63 16.90 33.09 -9.76
N VAL B 64 15.62 32.76 -9.58
CA VAL B 64 15.24 31.41 -9.23
C VAL B 64 15.71 30.47 -10.33
N ASP B 65 16.46 29.44 -9.95
CA ASP B 65 16.99 28.49 -10.92
C ASP B 65 16.87 27.13 -10.28
N VAL B 66 15.71 26.49 -10.43
CA VAL B 66 15.49 25.22 -9.74
C VAL B 66 16.40 24.11 -10.26
N ASP B 67 16.79 24.15 -11.52
CA ASP B 67 17.75 23.17 -12.03
C ASP B 67 19.06 23.21 -11.24
N GLN B 68 19.50 24.40 -10.83
CA GLN B 68 20.69 24.50 -9.98
C GLN B 68 20.47 23.81 -8.63
N TRP B 69 19.27 23.94 -8.08
CA TRP B 69 18.99 23.28 -6.80
C TRP B 69 19.10 21.77 -7.02
N ASP B 71 20.41 19.91 -9.35
CA ASP B 71 21.75 19.43 -9.66
C ASP B 71 22.54 19.18 -8.39
N ALA B 72 22.45 20.13 -7.45
CA ALA B 72 23.16 20.00 -6.18
C ALA B 72 22.62 18.85 -5.33
N LEU B 73 21.30 18.66 -5.36
CA LEU B 73 20.67 17.57 -4.60
C LEU B 73 21.08 16.22 -5.16
N VAL B 74 21.08 16.11 -6.49
CA VAL B 74 21.57 14.89 -7.12
C VAL B 74 23.04 14.64 -6.76
N ALA B 75 23.87 15.68 -6.82
CA ALA B 75 25.28 15.57 -6.42
C ALA B 75 25.43 15.12 -4.96
N GLY B 76 24.43 15.39 -4.14
CA GLY B 76 24.47 14.98 -2.74
C GLY B 76 23.90 13.59 -2.48
N GLY B 77 23.33 12.96 -3.50
CA GLY B 77 22.76 11.63 -3.35
C GLY B 77 21.34 11.58 -2.82
N ALA B 79 17.34 11.20 -2.80
CA ALA B 79 16.44 10.38 -3.60
C ALA B 79 15.19 11.14 -3.97
N GLY B 80 14.96 12.26 -3.29
CA GLY B 80 13.79 13.06 -3.56
C GLY B 80 13.85 14.36 -2.79
N VAL B 81 12.84 15.19 -2.99
CA VAL B 81 12.84 16.50 -2.35
C VAL B 81 11.43 16.87 -1.91
N ILE B 82 11.31 17.42 -0.70
CA ILE B 82 10.02 17.89 -0.22
C ILE B 82 10.03 19.41 -0.22
N LEU B 83 9.05 20.01 -0.89
CA LEU B 83 8.98 21.46 -1.01
C LEU B 83 8.00 22.04 0.01
N THR B 84 8.40 23.09 0.70
CA THR B 84 7.43 23.84 1.48
C THR B 84 6.60 24.68 0.49
N CYS B 85 5.42 24.17 0.15
CA CYS B 85 4.53 24.83 -0.77
C CYS B 85 3.83 25.99 -0.10
N LYS B 86 3.64 25.87 1.22
CA LYS B 86 3.09 26.96 2.02
C LYS B 86 3.61 26.78 3.44
N HIS B 87 4.27 27.79 3.98
CA HIS B 87 4.68 27.66 5.39
C HIS B 87 3.67 28.32 6.33
N HIS B 88 3.99 28.40 7.62
CA HIS B 88 3.04 28.90 8.63
C HIS B 88 2.51 30.29 8.33
N ASP B 89 3.35 31.10 7.67
CA ASP B 89 2.97 32.47 7.37
C ASP B 89 1.79 32.50 6.39
N GLY B 90 1.66 31.47 5.57
CA GLY B 90 0.51 31.36 4.69
C GLY B 90 0.71 31.74 3.23
N PHE B 91 1.91 32.19 2.86
CA PHE B 91 2.17 32.57 1.47
C PHE B 91 2.39 31.33 0.58
N CYS B 92 1.61 31.21 -0.49
CA CYS B 92 1.65 29.99 -1.32
C CYS B 92 2.55 30.10 -2.55
N LEU B 93 3.39 29.10 -2.76
CA LEU B 93 4.33 29.09 -3.87
CA LEU B 93 4.34 29.07 -3.86
C LEU B 93 3.73 28.60 -5.18
N TRP B 94 2.41 28.37 -5.17
CA TRP B 94 1.67 28.04 -6.41
C TRP B 94 0.43 28.95 -6.49
N PRO B 95 -0.09 29.16 -7.70
CA PRO B 95 -1.22 30.09 -7.78
C PRO B 95 -2.56 29.44 -7.38
N SER B 96 -2.74 29.21 -6.08
CA SER B 96 -3.93 28.53 -5.57
C SER B 96 -5.19 29.29 -5.98
N ARG B 97 -6.24 28.56 -6.27
CA ARG B 97 -7.54 29.17 -6.61
C ARG B 97 -8.29 29.55 -5.34
N LEU B 98 -7.73 29.23 -4.18
CA LEU B 98 -8.44 29.40 -2.92
C LEU B 98 -8.06 30.67 -2.12
N THR B 99 -7.07 31.41 -2.61
CA THR B 99 -6.59 32.60 -1.92
C THR B 99 -5.78 33.43 -2.88
N ARG B 100 -5.66 34.72 -2.60
CA ARG B 100 -4.80 35.57 -3.40
C ARG B 100 -3.46 35.81 -2.72
N HIS B 101 -3.23 35.12 -1.60
CA HIS B 101 -1.96 35.29 -0.92
C HIS B 101 -0.94 34.30 -1.48
N THR B 102 -0.54 34.54 -2.72
CA THR B 102 0.23 33.56 -3.47
C THR B 102 1.16 34.23 -4.46
N VAL B 103 1.95 33.43 -5.16
CA VAL B 103 2.87 33.94 -6.16
C VAL B 103 2.15 34.71 -7.25
N ALA B 104 0.86 34.42 -7.43
CA ALA B 104 0.09 35.10 -8.46
C ALA B 104 -0.05 36.58 -8.17
N SER B 105 0.07 36.96 -6.89
CA SER B 105 -0.04 38.35 -6.48
C SER B 105 1.31 39.05 -6.35
N SER B 106 2.39 38.36 -6.70
CA SER B 106 3.72 38.92 -6.57
C SER B 106 4.26 39.29 -7.95
N PRO B 107 5.38 40.04 -8.00
CA PRO B 107 6.01 40.43 -9.27
C PRO B 107 6.82 39.30 -9.89
N TRP B 108 7.02 38.20 -9.16
CA TRP B 108 7.85 37.13 -9.68
C TRP B 108 7.26 36.58 -10.98
N ARG B 109 8.09 36.51 -12.02
CA ARG B 109 7.67 36.03 -13.34
C ARG B 109 6.40 36.74 -13.79
N GLU B 110 6.31 38.02 -13.46
CA GLU B 110 5.19 38.86 -13.85
C GLU B 110 3.86 38.33 -13.33
N GLY B 111 3.90 37.62 -12.21
CA GLY B 111 2.69 37.13 -11.57
C GLY B 111 2.20 35.81 -12.14
N LYS B 112 2.94 35.26 -13.09
CA LYS B 112 2.48 34.06 -13.79
C LYS B 112 3.31 32.84 -13.41
N GLY B 113 4.07 32.94 -12.33
CA GLY B 113 4.93 31.85 -11.93
C GLY B 113 4.22 30.77 -11.14
N ASP B 114 4.82 29.59 -11.11
CA ASP B 114 4.32 28.52 -10.23
C ASP B 114 5.52 27.72 -9.79
N LEU B 115 6.01 28.01 -8.59
CA LEU B 115 7.23 27.38 -8.13
C LEU B 115 7.05 25.87 -7.85
N VAL B 116 5.84 25.47 -7.43
CA VAL B 116 5.58 24.05 -7.22
C VAL B 116 5.75 23.29 -8.55
N ARG B 117 5.18 23.85 -9.61
CA ARG B 117 5.35 23.29 -10.95
C ARG B 117 6.82 23.23 -11.34
N GLU B 118 7.55 24.32 -11.11
CA GLU B 118 8.97 24.36 -11.51
C GLU B 118 9.76 23.28 -10.78
N VAL B 119 9.55 23.16 -9.47
CA VAL B 119 10.34 22.23 -8.68
C VAL B 119 9.97 20.79 -9.02
N SER B 120 8.68 20.51 -9.14
CA SER B 120 8.23 19.15 -9.42
C SER B 120 8.69 18.66 -10.79
N GLU B 121 8.57 19.51 -11.81
CA GLU B 121 9.05 19.13 -13.14
C GLU B 121 10.56 18.93 -13.17
N SER B 122 11.29 19.83 -12.51
CA SER B 122 12.74 19.69 -12.47
C SER B 122 13.19 18.45 -11.70
N ALA B 123 12.50 18.16 -10.59
CA ALA B 123 12.80 16.96 -9.82
C ALA B 123 12.69 15.72 -10.69
N ARG B 124 11.57 15.61 -11.41
CA ARG B 124 11.36 14.50 -12.33
C ARG B 124 12.45 14.39 -13.40
N ARG B 125 12.81 15.51 -14.00
CA ARG B 125 13.90 15.50 -14.99
C ARG B 125 15.19 14.97 -14.38
N HIS B 126 15.39 15.22 -13.09
CA HIS B 126 16.63 14.84 -12.42
C HIS B 126 16.55 13.49 -11.72
N GLY B 127 15.41 12.83 -11.84
CA GLY B 127 15.26 11.49 -11.28
C GLY B 127 15.04 11.52 -9.77
N LEU B 128 14.51 12.64 -9.28
CA LEU B 128 14.21 12.77 -7.86
C LEU B 128 12.71 12.71 -7.68
N LYS B 129 12.27 12.06 -6.61
CA LYS B 129 10.87 12.06 -6.26
C LYS B 129 10.52 13.41 -5.66
N PHE B 130 9.24 13.76 -5.67
CA PHE B 130 8.78 15.07 -5.22
C PHE B 130 7.78 14.90 -4.10
N GLY B 131 7.94 15.65 -3.01
CA GLY B 131 7.00 15.56 -1.92
C GLY B 131 6.55 16.94 -1.50
N VAL B 132 5.54 17.04 -0.65
CA VAL B 132 5.04 18.39 -0.32
C VAL B 132 4.86 18.59 1.16
N TYR B 133 5.06 19.84 1.58
CA TYR B 133 4.68 20.27 2.91
C TYR B 133 3.70 21.42 2.77
N LEU B 134 2.50 21.23 3.30
CA LEU B 134 1.50 22.31 3.30
C LEU B 134 1.17 22.60 4.76
N SER B 135 1.60 23.76 5.26
CA SER B 135 1.48 24.04 6.69
C SER B 135 0.05 24.07 7.17
N PRO B 136 -0.29 23.21 8.14
CA PRO B 136 -1.63 23.37 8.73
C PRO B 136 -1.83 24.75 9.40
N TRP B 137 -0.84 25.23 10.14
CA TRP B 137 -0.90 26.59 10.68
C TRP B 137 -0.86 27.61 9.54
N ASP B 138 -1.75 28.60 9.59
CA ASP B 138 -1.78 29.64 8.56
C ASP B 138 -2.07 30.98 9.23
N ARG B 139 -1.08 31.87 9.21
CA ARG B 139 -1.19 33.14 9.90
C ARG B 139 -1.86 34.23 9.05
N THR B 140 -2.21 33.92 7.81
CA THR B 140 -2.83 34.91 6.95
C THR B 140 -4.30 34.58 6.68
N GLU B 141 -4.56 33.31 6.35
CA GLU B 141 -5.86 32.90 5.81
C GLU B 141 -7.01 33.30 6.72
N GLU B 142 -8.00 33.98 6.14
CA GLU B 142 -9.14 34.48 6.89
C GLU B 142 -9.88 33.40 7.71
N SER B 143 -10.02 32.20 7.15
CA SER B 143 -10.78 31.13 7.81
C SER B 143 -10.07 30.47 8.99
N TYR B 144 -8.78 30.75 9.15
CA TYR B 144 -8.03 30.10 10.23
C TYR B 144 -8.60 30.51 11.59
N GLY B 145 -8.92 29.51 12.40
CA GLY B 145 -9.53 29.75 13.71
C GLY B 145 -11.02 29.49 13.70
N LYS B 146 -11.62 29.49 12.52
CA LYS B 146 -13.07 29.28 12.38
C LYS B 146 -13.49 27.83 12.47
N GLY B 147 -12.53 26.91 12.41
CA GLY B 147 -12.84 25.50 12.56
C GLY B 147 -13.00 24.80 11.23
N LYS B 148 -14.19 24.26 10.99
CA LYS B 148 -14.44 23.50 9.77
C LYS B 148 -14.12 24.31 8.49
N ALA B 149 -14.41 25.61 8.52
CA ALA B 149 -14.12 26.46 7.35
C ALA B 149 -12.65 26.40 6.98
N TYR B 150 -11.78 26.40 7.98
CA TYR B 150 -10.38 26.26 7.67
C TYR B 150 -10.03 24.85 7.16
N ASP B 151 -10.64 23.83 7.77
CA ASP B 151 -10.44 22.47 7.25
C ASP B 151 -10.78 22.39 5.77
N ASP B 152 -11.89 23.02 5.39
CA ASP B 152 -12.33 23.03 4.00
C ASP B 152 -11.24 23.66 3.11
N PHE B 153 -10.71 24.80 3.55
CA PHE B 153 -9.65 25.50 2.83
C PHE B 153 -8.41 24.60 2.70
N TYR B 154 -7.98 24.03 3.83
CA TYR B 154 -6.80 23.18 3.83
C TYR B 154 -6.96 22.01 2.85
N VAL B 155 -8.08 21.30 2.96
CA VAL B 155 -8.40 20.20 2.05
C VAL B 155 -8.43 20.63 0.58
N GLY B 156 -8.97 21.82 0.32
CA GLY B 156 -8.98 22.37 -1.04
C GLY B 156 -7.57 22.58 -1.58
N GLN B 157 -6.69 23.14 -0.75
CA GLN B 157 -5.31 23.36 -1.20
C GLN B 157 -4.56 22.05 -1.33
N LEU B 158 -4.86 21.10 -0.45
CA LEU B 158 -4.27 19.76 -0.54
C LEU B 158 -4.67 19.08 -1.85
N THR B 159 -5.92 19.28 -2.26
CA THR B 159 -6.42 18.69 -3.50
C THR B 159 -5.65 19.28 -4.68
N GLU B 160 -5.41 20.59 -4.64
CA GLU B 160 -4.64 21.23 -5.69
C GLU B 160 -3.26 20.58 -5.81
N LEU B 161 -2.53 20.53 -4.71
CA LEU B 161 -1.16 20.01 -4.70
C LEU B 161 -1.05 18.54 -5.09
N LEU B 162 -2.05 17.75 -4.71
CA LEU B 162 -2.01 16.30 -4.92
C LEU B 162 -2.61 15.90 -6.26
N THR B 163 -3.19 16.85 -6.99
CA THR B 163 -3.75 16.51 -8.30
C THR B 163 -3.08 17.17 -9.50
N GLN B 164 -2.36 18.26 -9.28
CA GLN B 164 -1.87 19.06 -10.40
C GLN B 164 -0.40 18.87 -10.75
N TYR B 165 0.32 18.09 -9.95
CA TYR B 165 1.79 18.12 -10.01
C TYR B 165 2.44 16.75 -10.08
N GLY B 166 1.65 15.74 -10.45
CA GLY B 166 2.19 14.40 -10.61
C GLY B 166 2.34 13.68 -9.29
N PRO B 167 3.03 12.53 -9.31
CA PRO B 167 3.11 11.64 -8.15
C PRO B 167 3.82 12.30 -6.96
N ILE B 168 3.30 12.07 -5.76
CA ILE B 168 3.84 12.69 -4.57
C ILE B 168 4.32 11.57 -3.64
N PHE B 169 5.58 11.61 -3.21
CA PHE B 169 6.09 10.48 -2.42
C PHE B 169 5.83 10.65 -0.95
N SER B 170 5.65 11.89 -0.51
CA SER B 170 5.41 12.12 0.90
C SER B 170 4.60 13.38 1.09
N VAL B 171 3.69 13.33 2.05
CA VAL B 171 3.04 14.54 2.52
C VAL B 171 3.48 14.74 3.97
N TRP B 172 4.26 15.79 4.20
CA TRP B 172 4.92 15.99 5.48
C TRP B 172 4.06 16.93 6.32
N LEU B 173 3.75 16.55 7.56
CA LEU B 173 2.84 17.32 8.39
C LEU B 173 3.39 17.58 9.79
N ASP B 174 3.35 18.83 10.24
CA ASP B 174 3.62 19.16 11.63
C ASP B 174 2.31 19.65 12.24
N GLY B 175 2.26 19.80 13.57
CA GLY B 175 1.00 20.02 14.24
C GLY B 175 0.81 21.39 14.84
N ALA B 176 1.78 22.27 14.63
CA ALA B 176 1.74 23.60 15.21
C ALA B 176 0.41 24.29 14.89
N ASN B 177 -0.15 24.95 15.90
CA ASN B 177 -1.36 25.75 15.70
C ASN B 177 -1.33 27.01 16.55
N GLY B 178 -2.35 27.84 16.40
CA GLY B 178 -2.49 29.05 17.18
C GLY B 178 -3.90 29.61 17.02
N GLU B 179 -4.09 30.86 17.43
CA GLU B 179 -5.38 31.52 17.32
C GLU B 179 -5.57 32.22 15.97
N GLY B 180 -6.81 32.30 15.53
CA GLY B 180 -7.14 33.08 14.34
C GLY B 180 -7.33 34.54 14.71
N LYS B 181 -7.67 35.35 13.72
CA LYS B 181 -8.07 36.73 13.96
C LYS B 181 -9.11 36.79 15.07
N ASN B 182 -9.97 35.77 15.12
CA ASN B 182 -11.08 35.76 16.06
C ASN B 182 -10.71 35.34 17.49
N GLY B 183 -9.41 35.14 17.72
CA GLY B 183 -8.94 34.73 19.03
C GLY B 183 -9.21 33.27 19.38
N LYS B 184 -9.78 32.51 18.44
CA LYS B 184 -10.06 31.10 18.68
C LYS B 184 -8.95 30.21 18.13
N THR B 185 -8.60 29.17 18.90
CA THR B 185 -7.57 28.21 18.49
C THR B 185 -8.10 27.25 17.43
N GLN B 186 -7.35 27.10 16.33
CA GLN B 186 -7.71 26.14 15.29
C GLN B 186 -7.21 24.73 15.61
N TYR B 187 -8.08 23.75 15.43
CA TYR B 187 -7.70 22.35 15.57
C TYR B 187 -7.92 21.68 14.23
N TYR B 188 -7.14 20.64 13.93
CA TYR B 188 -7.16 20.09 12.59
C TYR B 188 -7.88 18.76 12.50
N ASP B 189 -8.67 18.59 11.44
CA ASP B 189 -9.41 17.37 11.21
C ASP B 189 -8.50 16.37 10.54
N TRP B 190 -7.61 15.77 11.34
CA TRP B 190 -6.56 14.93 10.79
C TRP B 190 -7.11 13.80 9.94
N ASP B 191 -8.14 13.14 10.46
CA ASP B 191 -8.71 11.99 9.80
C ASP B 191 -9.19 12.37 8.42
N ARG B 192 -9.73 13.58 8.30
CA ARG B 192 -10.23 14.09 7.04
C ARG B 192 -9.07 14.33 6.08
N TYR B 193 -8.01 14.95 6.58
CA TYR B 193 -6.82 15.19 5.76
C TYR B 193 -6.23 13.89 5.27
N TYR B 194 -6.18 12.90 6.14
CA TYR B 194 -5.58 11.62 5.79
C TYR B 194 -6.35 10.97 4.65
N ASN B 195 -7.67 11.12 4.66
CA ASN B 195 -8.49 10.48 3.63
C ASN B 195 -8.21 11.10 2.27
N VAL B 196 -8.00 12.42 2.26
CA VAL B 196 -7.69 13.14 1.03
C VAL B 196 -6.39 12.61 0.45
N ILE B 197 -5.38 12.50 1.30
CA ILE B 197 -4.07 12.02 0.87
C ILE B 197 -4.13 10.56 0.39
N ARG B 198 -4.75 9.69 1.18
CA ARG B 198 -4.91 8.29 0.79
C ARG B 198 -5.64 8.16 -0.54
N SER B 199 -6.63 9.02 -0.78
CA SER B 199 -7.45 8.91 -1.98
C SER B 199 -6.71 9.40 -3.22
N LEU B 200 -6.10 10.57 -3.11
CA LEU B 200 -5.47 11.21 -4.26
C LEU B 200 -4.06 10.68 -4.54
N GLN B 201 -3.31 10.36 -3.49
CA GLN B 201 -1.95 9.84 -3.63
C GLN B 201 -1.77 8.64 -2.70
N PRO B 202 -2.36 7.50 -3.09
CA PRO B 202 -2.36 6.29 -2.26
C PRO B 202 -0.93 5.84 -1.92
N ASP B 203 0.03 6.15 -2.77
CA ASP B 203 1.43 5.72 -2.55
C ASP B 203 2.25 6.66 -1.67
N ALA B 204 1.73 7.86 -1.37
CA ALA B 204 2.49 8.82 -0.57
C ALA B 204 2.53 8.36 0.88
N VAL B 205 3.65 8.61 1.57
CA VAL B 205 3.67 8.40 3.00
C VAL B 205 3.29 9.69 3.72
N ILE B 206 2.39 9.57 4.70
CA ILE B 206 1.97 10.71 5.50
C ILE B 206 2.86 10.75 6.72
N SER B 207 3.66 11.80 6.86
CA SER B 207 4.80 11.78 7.77
C SER B 207 4.72 12.74 8.95
N VAL B 208 5.28 12.31 10.08
CA VAL B 208 5.35 13.06 11.32
C VAL B 208 3.99 13.15 12.01
N CYS B 209 3.15 14.12 11.65
CA CYS B 209 1.77 14.08 12.14
C CYS B 209 0.89 13.23 11.25
N GLY B 210 1.26 11.95 11.15
CA GLY B 210 0.57 11.02 10.27
C GLY B 210 1.06 9.61 10.57
N PRO B 211 0.35 8.62 10.02
CA PRO B 211 0.55 7.24 10.45
C PRO B 211 1.66 6.47 9.75
N ASP B 212 2.24 7.01 8.69
CA ASP B 212 3.18 6.19 7.91
C ASP B 212 4.64 6.28 8.34
N VAL B 213 5.04 7.44 8.84
CA VAL B 213 6.46 7.76 9.11
C VAL B 213 6.55 8.61 10.35
N ARG B 214 7.45 8.24 11.24
CA ARG B 214 7.51 8.78 12.59
C ARG B 214 8.66 9.74 12.74
N TRP B 215 8.44 10.86 13.44
CA TRP B 215 9.53 11.76 13.78
C TRP B 215 10.45 11.08 14.76
N ALA B 216 11.73 10.93 14.41
CA ALA B 216 12.65 10.17 15.25
C ALA B 216 12.80 10.76 16.65
N GLY B 217 12.50 12.04 16.81
CA GLY B 217 12.47 12.66 18.12
C GLY B 217 13.79 12.64 18.87
N ASN B 218 14.89 12.70 18.12
CA ASN B 218 16.23 12.67 18.70
C ASN B 218 16.75 14.07 19.00
N GLU B 219 17.60 14.19 20.01
CA GLU B 219 18.31 15.43 20.28
CA GLU B 219 18.32 15.43 20.29
C GLU B 219 19.32 15.65 19.16
N ALA B 220 19.51 16.89 18.74
CA ALA B 220 20.42 17.17 17.64
C ALA B 220 21.75 16.42 17.79
N GLY B 221 22.10 15.65 16.77
CA GLY B 221 23.38 14.95 16.75
C GLY B 221 23.40 13.56 17.39
N HIS B 222 22.23 13.09 17.85
CA HIS B 222 22.12 11.76 18.46
C HIS B 222 21.12 10.88 17.72
N VAL B 223 21.29 9.57 17.84
CA VAL B 223 20.30 8.61 17.37
C VAL B 223 20.18 7.49 18.41
N ARG B 224 19.05 6.79 18.42
CA ARG B 224 18.86 5.69 19.37
C ARG B 224 19.89 4.60 19.13
N ASP B 225 20.41 4.04 20.22
CA ASP B 225 21.23 2.84 20.11
C ASP B 225 20.41 1.77 19.43
N ASN B 226 19.13 1.71 19.78
CA ASN B 226 18.21 0.72 19.25
C ASN B 226 16.98 1.37 18.64
N GLU B 227 16.93 1.42 17.32
CA GLU B 227 15.77 1.96 16.66
C GLU B 227 14.86 0.83 16.19
N TRP B 228 13.68 0.73 16.81
CA TRP B 228 12.68 -0.24 16.42
C TRP B 228 11.65 0.39 15.51
N SER B 229 11.37 -0.24 14.37
CA SER B 229 10.27 0.19 13.51
C SER B 229 8.92 -0.35 13.97
N VAL B 230 8.97 -1.36 14.84
CA VAL B 230 7.78 -1.94 15.45
C VAL B 230 7.58 -1.27 16.81
N VAL B 231 6.53 -0.45 16.92
CA VAL B 231 6.32 0.36 18.12
C VAL B 231 4.82 0.51 18.45
N PRO B 232 4.50 0.91 19.69
CA PRO B 232 3.10 1.09 20.09
C PRO B 232 2.30 1.95 19.12
N ARG B 233 1.09 1.52 18.79
CA ARG B 233 0.26 2.23 17.83
C ARG B 233 -0.08 3.67 18.26
N ARG B 234 -0.14 3.90 19.56
CA ARG B 234 -0.44 5.24 20.09
C ARG B 234 0.53 6.32 19.60
N LEU B 235 1.77 5.94 19.31
CA LEU B 235 2.76 6.91 18.84
C LEU B 235 2.30 7.56 17.54
N ARG B 236 1.40 6.90 16.81
CA ARG B 236 0.89 7.47 15.59
C ARG B 236 0.12 8.77 15.84
N SER B 237 -0.34 8.94 17.08
CA SER B 237 -1.08 10.15 17.48
C SER B 237 -0.23 11.11 18.32
N ALA B 238 1.05 10.80 18.49
CA ALA B 238 1.91 11.51 19.45
C ALA B 238 2.14 12.98 19.13
N GLU B 239 2.33 13.30 17.85
CA GLU B 239 2.63 14.67 17.44
C GLU B 239 1.40 15.44 16.96
N LEU B 240 0.22 14.88 17.25
CA LEU B 240 -1.03 15.51 16.83
C LEU B 240 -1.49 16.50 17.90
N THR B 241 -1.82 17.70 17.45
CA THR B 241 -2.44 18.69 18.33
C THR B 241 -3.92 18.35 18.45
N GLU B 243 -7.87 18.81 20.87
CA GLU B 243 -8.77 19.46 21.84
C GLU B 243 -9.89 20.22 21.14
N THR B 256 3.17 7.49 30.85
CA THR B 256 2.82 7.77 29.46
C THR B 256 4.03 7.51 28.55
N VAL B 257 3.88 7.83 27.27
CA VAL B 257 4.96 7.63 26.31
C VAL B 257 5.09 8.84 25.36
N SER B 258 6.28 9.01 24.80
CA SER B 258 6.58 10.16 23.96
C SER B 258 7.51 9.76 22.83
N SER B 259 7.41 10.46 21.70
CA SER B 259 8.25 10.18 20.55
CA SER B 259 8.25 10.20 20.53
C SER B 259 9.73 10.32 20.87
N GLN B 260 10.05 11.04 21.95
CA GLN B 260 11.44 11.36 22.27
C GLN B 260 12.14 10.37 23.21
N ASP B 261 11.40 9.39 23.73
CA ASP B 261 11.98 8.40 24.64
C ASP B 261 13.10 7.58 23.98
N ASP B 262 14.08 7.15 24.76
CA ASP B 262 15.19 6.39 24.19
C ASP B 262 14.73 5.00 23.74
N ASP B 263 13.86 4.39 24.54
CA ASP B 263 13.43 3.02 24.27
C ASP B 263 11.94 3.00 23.92
N LEU B 264 11.64 2.85 22.64
CA LEU B 264 10.24 2.81 22.21
C LEU B 264 9.78 1.39 21.94
N GLY B 265 10.71 0.51 21.57
CA GLY B 265 10.33 -0.77 20.99
C GLY B 265 10.93 -2.04 21.55
N SER B 266 11.74 -1.95 22.60
CA SER B 266 12.27 -3.17 23.20
C SER B 266 11.13 -4.03 23.76
N ARG B 267 11.43 -5.28 24.08
CA ARG B 267 10.42 -6.18 24.65
C ARG B 267 9.80 -5.58 25.92
N GLU B 268 10.65 -5.02 26.76
CA GLU B 268 10.18 -4.38 27.98
C GLU B 268 9.23 -3.23 27.68
N ALA B 269 9.56 -2.47 26.63
CA ALA B 269 8.77 -1.28 26.31
C ALA B 269 7.42 -1.62 25.70
N VAL B 270 7.33 -2.70 24.93
CA VAL B 270 6.07 -3.00 24.24
C VAL B 270 5.26 -4.06 24.98
N ALA B 271 5.88 -4.65 25.99
CA ALA B 271 5.28 -5.69 26.79
C ALA B 271 3.76 -5.56 26.88
N GLY B 272 3.29 -4.52 27.58
CA GLY B 272 1.88 -4.42 27.91
C GLY B 272 0.94 -3.96 26.81
N TYR B 273 1.45 -3.79 25.59
CA TYR B 273 0.65 -3.30 24.47
C TYR B 273 0.02 -4.44 23.65
N GLY B 274 0.51 -5.65 23.82
CA GLY B 274 -0.04 -6.77 23.06
C GLY B 274 -0.03 -6.50 21.57
N ASP B 275 -1.20 -6.61 20.92
CA ASP B 275 -1.28 -6.41 19.47
C ASP B 275 -1.45 -4.96 19.06
N ASN B 276 -1.54 -4.08 20.05
CA ASN B 276 -1.72 -2.66 19.77
C ASN B 276 -0.38 -2.01 19.42
N VAL B 277 0.34 -2.67 18.53
CA VAL B 277 1.61 -2.19 18.01
CA VAL B 277 1.59 -2.13 17.99
C VAL B 277 1.54 -2.16 16.48
N CYS B 278 2.45 -1.41 15.84
CA CYS B 278 2.40 -1.27 14.40
C CYS B 278 3.76 -0.97 13.81
N TRP B 279 3.83 -0.91 12.48
CA TRP B 279 5.06 -0.53 11.80
C TRP B 279 5.05 0.98 11.61
N TYR B 280 6.00 1.67 12.25
CA TYR B 280 6.01 3.14 12.27
C TYR B 280 7.47 3.55 12.34
N PRO B 281 8.15 3.55 11.19
CA PRO B 281 9.60 3.70 11.11
C PRO B 281 10.01 5.16 11.23
N ALA B 282 11.27 5.36 11.63
CA ALA B 282 11.73 6.65 12.09
C ALA B 282 12.35 7.45 10.94
N GLU B 283 12.13 8.77 10.97
CA GLU B 283 12.79 9.70 10.06
C GLU B 283 13.55 10.73 10.89
N VAL B 284 14.86 10.80 10.72
CA VAL B 284 15.64 11.86 11.37
C VAL B 284 15.61 13.08 10.46
N ASP B 285 15.31 14.25 11.03
CA ASP B 285 15.29 15.43 10.20
C ASP B 285 16.18 16.51 10.79
N THR B 286 16.89 17.23 9.93
CA THR B 286 17.77 18.27 10.40
C THR B 286 18.00 19.27 9.27
N SER B 287 18.49 20.46 9.62
CA SER B 287 18.78 21.48 8.61
C SER B 287 20.28 21.60 8.45
N ILE B 288 20.73 21.83 7.22
CA ILE B 288 22.15 22.03 6.94
C ILE B 288 22.67 23.31 7.61
N ARG B 289 21.75 24.17 8.03
CA ARG B 289 22.06 25.43 8.73
C ARG B 289 21.36 25.46 10.08
N PRO B 290 21.71 26.43 10.95
CA PRO B 290 20.95 26.49 12.22
C PRO B 290 19.46 26.77 12.01
N GLY B 291 19.14 27.59 11.02
CA GLY B 291 17.74 27.86 10.70
C GLY B 291 17.26 26.95 9.58
N TRP B 292 15.94 26.91 9.41
CA TRP B 292 15.32 26.15 8.34
C TRP B 292 15.22 26.98 7.07
N PHE B 293 15.04 28.28 7.24
CA PHE B 293 15.09 29.21 6.10
C PHE B 293 16.47 29.79 5.89
N TYR B 294 16.69 30.38 4.72
CA TYR B 294 17.99 30.96 4.40
C TYR B 294 18.23 32.26 5.16
N HIS B 295 19.39 32.37 5.80
CA HIS B 295 19.85 33.61 6.40
C HIS B 295 21.31 33.82 6.03
N GLN B 296 21.60 34.99 5.47
CA GLN B 296 22.94 35.37 5.05
C GLN B 296 23.96 35.15 6.17
N SER B 297 23.57 35.50 7.40
CA SER B 297 24.51 35.41 8.52
C SER B 297 24.85 33.96 8.86
N GLU B 298 24.18 33.01 8.21
CA GLU B 298 24.43 31.60 8.49
C GLU B 298 25.24 30.91 7.38
N ASP B 299 25.66 31.70 6.39
CA ASP B 299 26.50 31.19 5.31
C ASP B 299 27.77 30.55 5.85
N ASP B 300 28.24 31.02 6.99
CA ASP B 300 29.46 30.48 7.57
C ASP B 300 29.19 29.38 8.61
N LYS B 301 27.96 28.92 8.68
CA LYS B 301 27.60 27.91 9.68
C LYS B 301 26.93 26.71 9.00
N VAL B 302 27.25 26.51 7.73
CA VAL B 302 26.72 25.38 6.98
C VAL B 302 27.46 24.12 7.41
N SER B 304 29.50 20.80 7.31
CA SER B 304 30.48 20.38 6.32
C SER B 304 30.11 19.01 5.75
N ALA B 305 30.71 18.67 4.61
CA ALA B 305 30.56 17.33 4.05
C ALA B 305 30.93 16.27 5.08
N ASP B 306 32.02 16.48 5.81
CA ASP B 306 32.39 15.50 6.84
C ASP B 306 31.26 15.33 7.86
N GLN B 307 30.68 16.44 8.29
CA GLN B 307 29.60 16.39 9.28
C GLN B 307 28.37 15.69 8.72
N LEU B 308 28.07 15.97 7.45
CA LEU B 308 26.89 15.36 6.84
C LEU B 308 27.10 13.86 6.66
N PHE B 309 28.30 13.45 6.28
CA PHE B 309 28.57 12.02 6.11
C PHE B 309 28.48 11.28 7.45
N ASP B 310 28.98 11.89 8.51
CA ASP B 310 28.84 11.30 9.84
C ASP B 310 27.36 11.15 10.20
N LEU B 311 26.57 12.15 9.84
CA LEU B 311 25.13 12.08 10.09
C LEU B 311 24.48 10.96 9.26
N TRP B 312 24.90 10.83 8.01
CA TRP B 312 24.37 9.78 7.13
C TRP B 312 24.67 8.41 7.72
N LEU B 313 25.91 8.20 8.16
CA LEU B 313 26.31 6.93 8.75
C LEU B 313 25.47 6.58 9.98
N SER B 314 25.23 7.58 10.81
CA SER B 314 24.50 7.40 12.06
CA SER B 314 24.52 7.38 12.06
C SER B 314 23.03 7.11 11.84
N ALA B 315 22.43 7.85 10.91
CA ALA B 315 21.00 7.72 10.65
C ALA B 315 20.69 6.56 9.71
N VAL B 316 21.29 6.60 8.53
CA VAL B 316 21.03 5.56 7.54
C VAL B 316 21.66 4.23 7.97
N GLY B 317 22.68 4.31 8.80
CA GLY B 317 23.27 3.11 9.39
C GLY B 317 22.66 2.77 10.74
N GLY B 318 21.50 3.34 11.03
CA GLY B 318 20.85 3.16 12.32
C GLY B 318 19.34 3.01 12.19
N ASN B 319 18.92 2.34 11.12
CA ASN B 319 17.50 2.07 10.86
C ASN B 319 16.59 3.31 10.89
N SER B 320 17.05 4.39 10.27
CA SER B 320 16.23 5.58 10.13
CA SER B 320 16.26 5.62 10.14
C SER B 320 16.50 6.21 8.76
N SER B 321 15.51 6.93 8.23
CA SER B 321 15.74 7.72 7.03
CA SER B 321 15.74 7.72 7.03
C SER B 321 16.23 9.09 7.45
N LEU B 322 16.84 9.81 6.51
CA LEU B 322 17.41 11.12 6.82
C LEU B 322 16.75 12.15 5.92
N LEU B 323 16.12 13.15 6.53
CA LEU B 323 15.54 14.25 5.79
C LEU B 323 16.40 15.49 6.07
N LEU B 324 17.06 16.01 5.04
CA LEU B 324 18.02 17.10 5.23
C LEU B 324 17.49 18.36 4.57
N ASN B 325 17.32 19.42 5.35
CA ASN B 325 16.83 20.67 4.79
C ASN B 325 17.95 21.52 4.21
N ILE B 326 17.72 22.06 3.00
CA ILE B 326 18.66 22.99 2.35
CA ILE B 326 18.66 23.00 2.37
C ILE B 326 17.88 24.19 1.79
N PRO B 327 18.07 25.39 2.38
CA PRO B 327 17.24 26.53 1.97
C PRO B 327 17.87 27.43 0.90
N PRO B 328 17.17 27.63 -0.23
CA PRO B 328 17.68 28.54 -1.25
C PRO B 328 17.74 29.98 -0.75
N SER B 329 18.64 30.78 -1.31
CA SER B 329 18.81 32.18 -0.91
C SER B 329 17.69 33.07 -1.49
N PRO B 330 17.55 34.30 -0.96
CA PRO B 330 16.52 35.20 -1.50
C PRO B 330 16.73 35.49 -2.98
N GLU B 331 17.95 35.31 -3.48
CA GLU B 331 18.20 35.42 -4.91
C GLU B 331 17.59 34.26 -5.71
N GLY B 332 17.44 33.10 -5.06
CA GLY B 332 16.77 31.96 -5.69
C GLY B 332 17.71 30.83 -6.07
N LEU B 333 18.86 30.77 -5.38
CA LEU B 333 19.88 29.78 -5.67
C LEU B 333 20.33 29.11 -4.37
N LEU B 334 20.78 27.87 -4.48
CA LEU B 334 21.43 27.26 -3.33
C LEU B 334 22.80 27.90 -3.24
N ALA B 335 23.16 28.40 -2.05
CA ALA B 335 24.42 29.15 -1.89
C ALA B 335 25.64 28.24 -2.04
N GLU B 336 26.82 28.83 -2.23
CA GLU B 336 28.03 28.06 -2.52
C GLU B 336 28.46 27.08 -1.44
N PRO B 337 28.43 27.52 -0.16
CA PRO B 337 28.87 26.58 0.86
C PRO B 337 27.94 25.35 0.91
N ASP B 338 26.64 25.57 0.73
CA ASP B 338 25.68 24.45 0.77
C ASP B 338 25.95 23.50 -0.38
N VAL B 339 26.23 24.06 -1.55
CA VAL B 339 26.46 23.21 -2.72
C VAL B 339 27.73 22.40 -2.51
N GLN B 340 28.75 23.02 -1.93
CA GLN B 340 30.00 22.32 -1.70
C GLN B 340 29.84 21.17 -0.70
N SER B 341 29.13 21.42 0.39
CA SER B 341 28.88 20.37 1.39
C SER B 341 28.10 19.21 0.77
N LEU B 342 27.09 19.54 -0.04
CA LEU B 342 26.31 18.52 -0.73
C LEU B 342 27.18 17.68 -1.65
N LYS B 343 27.99 18.33 -2.47
CA LYS B 343 28.87 17.62 -3.38
C LYS B 343 29.82 16.69 -2.62
N GLY B 344 30.33 17.16 -1.47
CA GLY B 344 31.25 16.37 -0.66
C GLY B 344 30.55 15.19 0.02
N LEU B 345 29.32 15.39 0.46
CA LEU B 345 28.53 14.29 1.04
C LEU B 345 28.36 13.19 0.01
N GLY B 346 27.94 13.58 -1.20
CA GLY B 346 27.67 12.62 -2.26
C GLY B 346 28.92 11.83 -2.60
N ARG B 347 30.06 12.51 -2.60
CA ARG B 347 31.32 11.86 -2.92
C ARG B 347 31.68 10.83 -1.86
N ARG B 348 31.47 11.19 -0.60
CA ARG B 348 31.76 10.28 0.51
C ARG B 348 30.83 9.06 0.54
N VAL B 349 29.56 9.29 0.23
CA VAL B 349 28.61 8.17 0.13
C VAL B 349 29.01 7.25 -1.02
N SER B 350 29.33 7.86 -2.17
CA SER B 350 29.72 7.08 -3.33
C SER B 350 30.97 6.25 -3.08
N GLU B 351 31.95 6.80 -2.38
CA GLU B 351 33.20 6.09 -2.12
C GLU B 351 32.96 4.93 -1.16
N PHE B 352 32.01 5.13 -0.25
CA PHE B 352 31.66 4.12 0.72
C PHE B 352 30.98 2.96 0.00
N ARG B 353 30.09 3.28 -0.93
CA ARG B 353 29.42 2.26 -1.73
C ARG B 353 30.41 1.53 -2.63
N GLU B 354 31.39 2.27 -3.14
CA GLU B 354 32.45 1.66 -3.95
C GLU B 354 33.24 0.65 -3.10
N ALA B 355 33.71 1.10 -1.94
CA ALA B 355 34.52 0.26 -1.06
C ALA B 355 33.77 -0.99 -0.64
N LEU B 356 32.46 -0.83 -0.46
CA LEU B 356 31.56 -1.96 -0.23
C LEU B 356 31.73 -2.98 -1.34
N ALA B 357 31.58 -2.55 -2.58
CA ALA B 357 31.64 -3.44 -3.73
C ALA B 357 33.06 -3.94 -4.01
N SER B 358 34.05 -3.15 -3.63
CA SER B 358 35.45 -3.53 -3.83
C SER B 358 35.85 -4.79 -3.05
N VAL B 359 35.11 -5.09 -1.98
CA VAL B 359 35.41 -6.28 -1.19
C VAL B 359 34.60 -7.48 -1.68
N ARG B 360 35.33 -8.51 -2.11
CA ARG B 360 34.71 -9.74 -2.60
C ARG B 360 34.88 -10.80 -1.51
N CYS B 361 33.96 -10.80 -0.56
CA CYS B 361 34.02 -11.75 0.54
C CYS B 361 33.34 -13.05 0.15
N GLU B 362 33.88 -14.16 0.66
CA GLU B 362 33.19 -15.44 0.59
C GLU B 362 32.31 -15.56 1.84
N ALA B 363 31.00 -15.64 1.67
CA ALA B 363 30.10 -15.75 2.80
C ALA B 363 29.76 -17.21 3.06
N ARG B 364 29.88 -17.61 4.32
CA ARG B 364 29.45 -18.91 4.77
C ARG B 364 28.58 -18.72 6.00
N THR B 365 27.73 -19.70 6.30
CA THR B 365 26.72 -19.56 7.34
C THR B 365 26.68 -20.78 8.27
N SER B 366 26.12 -20.59 9.46
CA SER B 366 26.07 -21.64 10.48
C SER B 366 25.09 -22.76 10.10
N SER B 367 24.10 -22.42 9.28
CA SER B 367 23.14 -23.38 8.75
C SER B 367 22.57 -22.85 7.45
N ALA B 368 21.73 -23.64 6.80
CA ALA B 368 21.08 -23.22 5.57
C ALA B 368 22.06 -22.59 4.56
N SER B 369 23.11 -23.34 4.24
CA SER B 369 24.17 -22.87 3.34
C SER B 369 23.67 -22.52 1.94
N ALA B 370 22.56 -23.12 1.54
CA ALA B 370 22.03 -22.93 0.20
C ALA B 370 21.60 -21.48 -0.01
N ALA B 371 21.37 -20.76 1.09
CA ALA B 371 20.93 -19.36 0.99
C ALA B 371 22.03 -18.36 1.36
N ALA B 372 23.24 -18.86 1.62
CA ALA B 372 24.37 -18.00 1.97
C ALA B 372 24.67 -16.94 0.90
N ALA B 373 24.51 -17.31 -0.36
CA ALA B 373 24.80 -16.42 -1.47
C ALA B 373 23.91 -15.18 -1.44
N HIS B 374 22.76 -15.29 -0.79
CA HIS B 374 21.79 -14.20 -0.74
C HIS B 374 22.32 -13.05 0.09
N LEU B 375 23.36 -13.32 0.88
CA LEU B 375 23.98 -12.29 1.72
C LEU B 375 24.89 -11.36 0.91
N VAL B 376 25.35 -11.82 -0.25
CA VAL B 376 26.36 -11.06 -0.99
C VAL B 376 25.99 -10.79 -2.43
N ASP B 377 24.73 -11.00 -2.79
CA ASP B 377 24.30 -10.79 -4.17
C ASP B 377 23.87 -9.35 -4.45
N GLY B 378 23.83 -8.51 -3.42
CA GLY B 378 23.44 -7.12 -3.59
C GLY B 378 21.94 -6.98 -3.89
N ASN B 379 21.17 -8.03 -3.59
CA ASN B 379 19.75 -8.05 -3.93
C ASN B 379 18.93 -7.91 -2.64
N ARG B 380 18.19 -6.80 -2.50
CA ARG B 380 17.40 -6.61 -1.30
CA ARG B 380 17.39 -6.60 -1.31
C ARG B 380 16.26 -7.62 -1.17
N ASP B 381 15.93 -8.29 -2.27
CA ASP B 381 14.81 -9.27 -2.24
C ASP B 381 15.21 -10.72 -1.94
N THR B 382 16.49 -10.98 -1.65
CA THR B 382 16.92 -12.32 -1.30
C THR B 382 17.57 -12.26 0.07
N PHE B 383 17.36 -13.29 0.87
CA PHE B 383 17.92 -13.29 2.21
C PHE B 383 18.30 -14.67 2.73
N TRP B 384 19.14 -14.68 3.76
CA TRP B 384 19.48 -15.90 4.46
C TRP B 384 18.72 -15.95 5.77
N ARG B 385 18.21 -17.13 6.10
CA ARG B 385 17.54 -17.37 7.36
C ARG B 385 18.05 -18.69 7.91
N PRO B 386 18.52 -18.71 9.17
CA PRO B 386 19.09 -19.94 9.72
C PRO B 386 18.02 -20.99 9.94
N ASP B 387 18.39 -22.27 9.88
CA ASP B 387 17.44 -23.35 10.17
C ASP B 387 16.83 -23.19 11.56
N ALA B 388 15.64 -23.76 11.76
CA ALA B 388 14.95 -23.62 13.05
C ALA B 388 15.78 -24.15 14.22
N ASP B 389 16.50 -25.24 13.98
CA ASP B 389 17.26 -25.88 15.04
C ASP B 389 18.70 -25.38 15.16
N ASP B 390 18.99 -24.25 14.51
CA ASP B 390 20.31 -23.62 14.64
C ASP B 390 20.34 -22.82 15.93
N ALA B 391 21.08 -23.32 16.92
CA ALA B 391 21.15 -22.67 18.22
C ALA B 391 22.04 -21.42 18.24
N ALA B 392 22.93 -21.29 17.27
CA ALA B 392 23.86 -20.15 17.26
C ALA B 392 24.02 -19.58 15.85
N PRO B 393 23.03 -18.80 15.38
CA PRO B 393 23.06 -18.30 14.01
C PRO B 393 24.27 -17.38 13.79
N ALA B 394 25.06 -17.66 12.76
CA ALA B 394 26.28 -16.90 12.50
C ALA B 394 26.59 -16.87 11.01
N ILE B 395 27.20 -15.76 10.61
CA ILE B 395 27.63 -15.54 9.24
C ILE B 395 29.12 -15.25 9.26
N THR B 396 29.89 -15.97 8.44
CA THR B 396 31.32 -15.74 8.38
C THR B 396 31.70 -15.23 6.99
N LEU B 397 32.33 -14.07 6.97
CA LEU B 397 32.80 -13.46 5.74
C LEU B 397 34.32 -13.61 5.69
N THR B 398 34.80 -14.37 4.73
CA THR B 398 36.23 -14.60 4.57
C THR B 398 36.80 -13.73 3.47
N LEU B 399 37.85 -12.97 3.79
CA LEU B 399 38.45 -12.06 2.82
C LEU B 399 39.40 -12.80 1.90
N PRO B 400 39.52 -12.32 0.65
CA PRO B 400 40.47 -12.83 -0.36
C PRO B 400 41.90 -12.86 0.15
N GLN B 401 42.26 -11.85 0.94
CA GLN B 401 43.55 -11.82 1.63
C GLN B 401 43.42 -10.92 2.85
N PRO B 402 44.43 -10.91 3.73
CA PRO B 402 44.35 -10.04 4.90
C PRO B 402 44.05 -8.60 4.52
N THR B 403 43.02 -8.01 5.13
CA THR B 403 42.73 -6.61 4.84
C THR B 403 42.23 -5.84 6.06
N THR B 404 42.50 -4.53 6.08
CA THR B 404 42.06 -3.71 7.18
C THR B 404 40.60 -3.33 6.98
N ILE B 405 39.80 -3.49 8.01
CA ILE B 405 38.41 -3.07 7.96
C ILE B 405 38.10 -2.30 9.23
N ASN B 406 36.99 -1.55 9.23
CA ASN B 406 36.63 -0.78 10.42
C ASN B 406 35.13 -0.64 10.56
N ALA B 407 34.40 -1.40 9.75
CA ALA B 407 32.95 -1.44 9.89
C ALA B 407 32.37 -2.72 9.30
N ILE B 408 31.20 -3.08 9.78
CA ILE B 408 30.40 -4.06 9.06
C ILE B 408 29.06 -3.44 8.76
N VAL B 409 28.42 -3.95 7.71
CA VAL B 409 27.10 -3.48 7.31
C VAL B 409 26.18 -4.71 7.27
N ILE B 410 25.03 -4.61 7.91
CA ILE B 410 24.09 -5.72 7.90
C ILE B 410 22.69 -5.18 7.69
N GLU B 411 21.89 -5.89 6.93
CA GLU B 411 20.55 -5.43 6.56
C GLU B 411 19.53 -6.58 6.73
N GLU B 412 18.40 -6.31 7.39
CA GLU B 412 17.34 -7.30 7.50
C GLU B 412 16.37 -7.19 6.34
N ALA B 413 15.74 -8.30 5.98
CA ALA B 413 14.70 -8.30 4.96
C ALA B 413 13.42 -7.79 5.61
N ILE B 414 13.32 -6.47 5.76
CA ILE B 414 12.30 -5.88 6.60
C ILE B 414 10.90 -6.04 6.04
N GLU B 415 10.78 -6.41 4.76
CA GLU B 415 9.45 -6.70 4.20
CA GLU B 415 9.45 -6.69 4.22
C GLU B 415 8.78 -7.78 5.06
N HIS B 416 9.60 -8.61 5.70
CA HIS B 416 9.10 -9.68 6.58
C HIS B 416 9.15 -9.39 8.08
N GLY B 417 9.50 -8.16 8.45
CA GLY B 417 9.51 -7.76 9.85
C GLY B 417 10.89 -7.34 10.34
N GLN B 418 10.97 -6.93 11.61
CA GLN B 418 12.25 -6.59 12.23
C GLN B 418 12.45 -7.49 13.45
N ARG B 419 13.55 -8.26 13.47
CA ARG B 419 13.72 -9.30 14.49
C ARG B 419 15.01 -9.27 15.30
N ILE B 420 16.12 -8.80 14.72
CA ILE B 420 17.40 -8.89 15.42
C ILE B 420 17.41 -7.97 16.65
N GLU B 421 17.91 -8.50 17.76
CA GLU B 421 17.94 -7.78 19.02
C GLU B 421 19.36 -7.67 19.56
N HIS B 422 20.24 -8.56 19.11
CA HIS B 422 21.65 -8.45 19.50
C HIS B 422 22.59 -9.12 18.49
N LEU B 423 23.64 -8.40 18.14
CA LEU B 423 24.64 -8.85 17.19
C LEU B 423 26.02 -8.67 17.81
N ARG B 424 26.84 -9.71 17.78
CA ARG B 424 28.20 -9.61 18.25
C ARG B 424 29.13 -9.91 17.07
N VAL B 425 30.13 -9.06 16.86
CA VAL B 425 31.04 -9.24 15.73
C VAL B 425 32.46 -9.55 16.18
N THR B 426 33.05 -10.60 15.62
CA THR B 426 34.42 -10.97 15.92
C THR B 426 35.27 -11.02 14.66
N GLY B 427 36.57 -10.91 14.81
CA GLY B 427 37.45 -10.99 13.67
C GLY B 427 38.53 -12.03 13.90
N ALA B 428 38.86 -12.78 12.86
CA ALA B 428 40.00 -13.68 12.88
C ALA B 428 41.18 -12.98 12.25
N LEU B 429 42.23 -12.77 13.04
CA LEU B 429 43.43 -12.09 12.55
C LEU B 429 44.37 -13.09 11.85
N PRO B 430 45.26 -12.60 10.97
CA PRO B 430 46.14 -13.53 10.24
C PRO B 430 47.00 -14.37 11.18
N ASP B 431 47.36 -13.84 12.34
CA ASP B 431 48.20 -14.58 13.28
C ASP B 431 47.48 -15.73 13.98
N GLY B 432 46.19 -15.85 13.75
CA GLY B 432 45.41 -16.93 14.31
C GLY B 432 44.60 -16.56 15.55
N THR B 433 44.81 -15.37 16.08
CA THR B 433 44.04 -14.93 17.24
C THR B 433 42.68 -14.38 16.82
N GLU B 434 41.77 -14.24 17.78
CA GLU B 434 40.47 -13.65 17.51
C GLU B 434 40.37 -12.29 18.20
N ARG B 435 39.64 -11.36 17.61
CA ARG B 435 39.34 -10.10 18.30
C ARG B 435 37.84 -9.86 18.37
N VAL B 436 37.37 -9.35 19.50
CA VAL B 436 35.98 -8.89 19.56
C VAL B 436 35.94 -7.48 18.94
N LEU B 437 35.29 -7.37 17.78
CA LEU B 437 35.24 -6.11 17.05
C LEU B 437 34.22 -5.12 17.63
N GLY B 438 33.00 -5.59 17.84
CA GLY B 438 31.96 -4.72 18.36
C GLY B 438 30.65 -5.47 18.56
N GLN B 439 29.65 -4.74 19.05
CA GLN B 439 28.34 -5.32 19.25
CA GLN B 439 28.34 -5.32 19.26
C GLN B 439 27.27 -4.28 18.94
N ALA B 440 26.08 -4.74 18.56
CA ALA B 440 24.97 -3.84 18.27
C ALA B 440 23.66 -4.50 18.68
N GLY B 441 22.61 -3.69 18.79
CA GLY B 441 21.30 -4.17 19.14
C GLY B 441 20.49 -4.40 17.89
N THR B 442 19.60 -3.48 17.58
CA THR B 442 18.76 -3.58 16.39
C THR B 442 19.55 -3.46 15.09
N VAL B 443 18.97 -4.00 14.01
CA VAL B 443 19.48 -3.83 12.65
C VAL B 443 18.43 -3.12 11.81
N GLY B 444 17.32 -3.81 11.54
CA GLY B 444 16.27 -3.20 10.72
C GLY B 444 16.76 -2.99 9.30
N TYR B 445 16.45 -1.83 8.73
CA TYR B 445 16.78 -1.59 7.32
C TYR B 445 18.29 -1.70 7.10
N ARG B 446 19.06 -1.08 8.00
CA ARG B 446 20.52 -1.15 7.92
C ARG B 446 21.18 -0.77 9.22
N ARG B 447 22.18 -1.56 9.59
CA ARG B 447 23.10 -1.21 10.68
C ARG B 447 24.49 -1.10 10.10
N ILE B 448 25.13 0.05 10.29
CA ILE B 448 26.54 0.18 9.99
C ILE B 448 27.25 0.25 11.34
N LEU B 449 28.00 -0.80 11.66
CA LEU B 449 28.65 -0.90 12.96
C LEU B 449 30.14 -0.62 12.80
N ARG B 450 30.64 0.38 13.51
CA ARG B 450 32.00 0.86 13.32
C ARG B 450 32.88 0.44 14.50
N PHE B 451 34.17 0.21 14.22
CA PHE B 451 35.10 -0.18 15.27
C PHE B 451 36.54 0.20 14.89
N ASP B 452 37.45 0.00 15.83
CA ASP B 452 38.85 0.35 15.61
C ASP B 452 39.41 -0.44 14.42
N ASP B 453 40.11 0.26 13.53
CA ASP B 453 40.76 -0.33 12.36
C ASP B 453 41.53 -1.57 12.73
N VAL B 454 41.37 -2.64 11.97
CA VAL B 454 42.09 -3.87 12.24
C VAL B 454 42.20 -4.72 10.96
N GLU B 455 43.35 -5.37 10.80
CA GLU B 455 43.58 -6.25 9.67
C GLU B 455 43.13 -7.66 10.04
N VAL B 456 42.13 -8.18 9.31
CA VAL B 456 41.58 -9.52 9.57
C VAL B 456 41.63 -10.39 8.32
N SER B 457 41.51 -11.71 8.51
CA SER B 457 41.32 -12.64 7.39
C SER B 457 39.85 -12.94 7.19
N SER B 458 39.09 -12.93 8.29
CA SER B 458 37.65 -13.08 8.22
C SER B 458 36.94 -12.38 9.38
N VAL B 459 35.64 -12.15 9.22
CA VAL B 459 34.85 -11.66 10.33
C VAL B 459 33.64 -12.58 10.50
N THR B 460 33.17 -12.69 11.72
CA THR B 460 31.98 -13.48 12.00
C THR B 460 30.95 -12.62 12.69
N LEU B 461 29.75 -12.65 12.12
CA LEU B 461 28.62 -11.93 12.67
CA LEU B 461 28.62 -11.93 12.65
C LEU B 461 27.77 -12.94 13.41
N HIS B 462 27.74 -12.82 14.73
CA HIS B 462 26.99 -13.76 15.56
C HIS B 462 25.66 -13.12 15.90
N VAL B 463 24.57 -13.69 15.43
CA VAL B 463 23.25 -13.15 15.76
C VAL B 463 22.79 -13.77 17.07
N ASP B 464 23.18 -13.16 18.18
CA ASP B 464 23.00 -13.67 19.54
C ASP B 464 21.58 -13.57 20.05
N GLY B 465 20.81 -12.63 19.50
CA GLY B 465 19.49 -12.34 20.01
C GLY B 465 18.58 -11.95 18.86
N SER B 466 17.41 -12.58 18.79
CA SER B 466 16.49 -12.33 17.69
C SER B 466 15.10 -12.71 18.14
N ARG B 467 14.08 -12.02 17.63
CA ARG B 467 12.69 -12.40 17.83
C ARG B 467 12.32 -13.40 16.74
N LEU B 468 12.33 -14.68 17.09
CA LEU B 468 12.22 -15.77 16.11
C LEU B 468 13.43 -15.71 15.17
N ALA B 469 13.40 -16.48 14.07
CA ALA B 469 14.60 -16.58 13.23
C ALA B 469 14.81 -15.31 12.39
N PRO B 470 16.03 -14.73 12.43
CA PRO B 470 16.29 -13.51 11.67
C PRO B 470 16.33 -13.78 10.17
N ILE B 472 18.23 -12.09 6.92
CA ILE B 472 19.26 -11.09 6.63
C ILE B 472 19.52 -11.04 5.13
N SER B 473 19.31 -9.87 4.53
CA SER B 473 19.40 -9.74 3.08
C SER B 473 20.77 -9.27 2.61
N ARG B 474 21.60 -8.82 3.55
CA ARG B 474 22.95 -8.39 3.24
C ARG B 474 23.85 -8.38 4.47
N ALA B 475 25.09 -8.82 4.28
CA ALA B 475 26.13 -8.70 5.29
C ALA B 475 27.44 -8.39 4.56
N ALA B 476 28.20 -7.45 5.09
CA ALA B 476 29.45 -7.05 4.46
C ALA B 476 30.43 -6.47 5.46
N ALA B 477 31.73 -6.61 5.17
CA ALA B 477 32.77 -5.96 5.97
C ALA B 477 33.46 -4.92 5.09
N VAL B 478 33.76 -3.75 5.64
CA VAL B 478 34.32 -2.67 4.85
CA VAL B 478 34.29 -2.65 4.84
C VAL B 478 35.28 -1.78 5.63
N ARG B 479 36.06 -0.99 4.90
CA ARG B 479 36.89 0.05 5.50
C ARG B 479 36.36 1.43 5.10
N ILE B 480 35.86 2.17 6.08
CA ILE B 480 35.38 3.53 5.84
C ILE B 480 36.52 4.55 5.85
#